data_9JVC
#
_entry.id   9JVC
#
_entity_poly.entity_id   1
_entity_poly.type   'polypeptide(L)'
_entity_poly.pdbx_seq_one_letter_code
;MYKNQLQELAQRSCFNLPSYTCIREGPDHAPRFKATVNFNGEIFESPQYCSTLRQAEHSAAEVALNALSNRGLEH
;
_entity_poly.pdbx_strand_id   A
#
# COMPACT_ATOMS: atom_id res chain seq x y z
N MET A 1 -0.22 8.43 11.93
CA MET A 1 0.50 8.16 10.66
C MET A 1 -0.43 7.52 9.64
N TYR A 2 -0.12 7.72 8.36
CA TYR A 2 -0.93 7.17 7.28
C TYR A 2 -0.90 5.64 7.32
N LYS A 3 0.27 5.08 7.61
CA LYS A 3 0.43 3.64 7.69
C LYS A 3 -0.44 3.08 8.80
N ASN A 4 -0.49 3.81 9.92
CA ASN A 4 -1.28 3.41 11.08
C ASN A 4 -2.77 3.35 10.74
N GLN A 5 -3.22 4.28 9.91
CA GLN A 5 -4.62 4.34 9.51
C GLN A 5 -5.07 3.03 8.85
N LEU A 6 -4.21 2.42 8.04
CA LEU A 6 -4.56 1.18 7.38
C LEU A 6 -4.88 0.11 8.43
N GLN A 7 -4.04 0.02 9.47
CA GLN A 7 -4.21 -0.92 10.53
C GLN A 7 -5.52 -0.68 11.30
N GLU A 8 -5.85 0.60 11.49
CA GLU A 8 -7.07 0.95 12.21
C GLU A 8 -8.29 0.39 11.48
N LEU A 9 -8.38 0.67 10.19
CA LEU A 9 -9.49 0.20 9.37
C LEU A 9 -9.41 -1.31 9.13
N ALA A 10 -8.18 -1.80 9.00
CA ALA A 10 -7.95 -3.23 8.76
C ALA A 10 -8.42 -4.08 9.93
N GLN A 11 -8.11 -3.64 11.14
CA GLN A 11 -8.52 -4.36 12.34
C GLN A 11 -10.03 -4.27 12.53
N ARG A 12 -10.58 -3.10 12.23
CA ARG A 12 -12.01 -2.86 12.36
C ARG A 12 -12.81 -3.81 11.46
N SER A 13 -12.14 -4.41 10.48
CA SER A 13 -12.79 -5.35 9.56
C SER A 13 -12.74 -6.79 10.07
N CYS A 14 -12.77 -6.96 11.39
CA CYS A 14 -12.72 -8.28 12.00
C CYS A 14 -11.32 -8.88 11.93
N PHE A 15 -10.34 -8.13 12.40
CA PHE A 15 -8.95 -8.59 12.38
C PHE A 15 -8.52 -9.04 11.00
N ASN A 16 -8.45 -8.10 10.06
CA ASN A 16 -8.06 -8.42 8.69
C ASN A 16 -6.65 -9.01 8.66
N LEU A 17 -5.77 -8.47 9.49
CA LEU A 17 -4.40 -8.94 9.57
C LEU A 17 -3.71 -8.83 8.22
N PRO A 18 -3.61 -7.61 7.69
CA PRO A 18 -2.98 -7.35 6.39
C PRO A 18 -1.46 -7.51 6.45
N SER A 19 -0.86 -7.75 5.28
CA SER A 19 0.58 -7.93 5.19
C SER A 19 1.16 -7.01 4.12
N TYR A 20 2.31 -6.41 4.43
CA TYR A 20 2.97 -5.52 3.50
C TYR A 20 4.32 -6.06 3.06
N THR A 21 4.57 -6.03 1.76
CA THR A 21 5.83 -6.52 1.21
C THR A 21 6.42 -5.48 0.27
N CYS A 22 7.70 -5.19 0.43
CA CYS A 22 8.35 -4.21 -0.42
C CYS A 22 8.85 -4.85 -1.70
N ILE A 23 8.67 -4.17 -2.82
CA ILE A 23 9.12 -4.68 -4.11
C ILE A 23 10.30 -3.89 -4.66
N ARG A 24 11.41 -4.58 -4.91
CA ARG A 24 12.62 -3.95 -5.44
C ARG A 24 12.89 -4.43 -6.86
N GLU A 25 13.11 -3.50 -7.78
CA GLU A 25 13.38 -3.87 -9.17
C GLU A 25 14.07 -2.73 -9.93
N GLY A 26 14.52 -3.02 -11.14
CA GLY A 26 15.18 -2.00 -11.95
C GLY A 26 16.70 -2.10 -11.90
N PRO A 27 17.40 -1.32 -12.74
CA PRO A 27 18.86 -1.31 -12.79
C PRO A 27 19.49 -0.94 -11.46
N ASP A 28 20.68 -1.47 -11.19
CA ASP A 28 21.38 -1.19 -9.94
C ASP A 28 21.65 0.30 -9.79
N HIS A 29 22.04 0.97 -10.88
CA HIS A 29 22.32 2.39 -10.82
C HIS A 29 21.06 3.16 -10.43
N ALA A 30 19.95 2.84 -11.07
CA ALA A 30 18.67 3.49 -10.80
C ALA A 30 17.68 2.49 -10.19
N PRO A 31 17.78 2.23 -8.88
CA PRO A 31 16.89 1.30 -8.19
C PRO A 31 15.47 1.85 -8.03
N ARG A 32 14.49 0.95 -8.01
CA ARG A 32 13.09 1.34 -7.86
C ARG A 32 12.50 0.67 -6.63
N PHE A 33 11.94 1.46 -5.72
CA PHE A 33 11.33 0.94 -4.51
C PHE A 33 9.81 1.13 -4.52
N LYS A 34 9.08 0.05 -4.25
CA LYS A 34 7.63 0.09 -4.23
C LYS A 34 7.11 -0.63 -3.00
N ALA A 35 5.91 -0.26 -2.58
CA ALA A 35 5.28 -0.89 -1.42
C ALA A 35 4.03 -1.64 -1.82
N THR A 36 3.88 -2.87 -1.35
CA THR A 36 2.71 -3.67 -1.67
C THR A 36 2.00 -4.12 -0.40
N VAL A 37 0.66 -4.18 -0.44
CA VAL A 37 -0.11 -4.60 0.72
C VAL A 37 -1.28 -5.49 0.33
N ASN A 38 -1.52 -6.53 1.13
CA ASN A 38 -2.60 -7.47 0.89
C ASN A 38 -3.85 -7.06 1.65
N PHE A 39 -4.99 -7.05 0.96
CA PHE A 39 -6.24 -6.67 1.59
C PHE A 39 -7.37 -7.63 1.25
N ASN A 40 -7.61 -8.59 2.13
CA ASN A 40 -8.67 -9.58 1.94
C ASN A 40 -8.62 -10.21 0.55
N GLY A 41 -7.45 -10.67 0.12
CA GLY A 41 -7.33 -11.28 -1.19
C GLY A 41 -7.06 -10.29 -2.30
N GLU A 42 -7.00 -9.00 -1.98
CA GLU A 42 -6.75 -7.98 -2.97
C GLU A 42 -5.48 -7.24 -2.61
N ILE A 43 -4.48 -7.39 -3.46
CA ILE A 43 -3.20 -6.75 -3.24
C ILE A 43 -3.05 -5.46 -4.05
N PHE A 44 -2.57 -4.42 -3.38
CA PHE A 44 -2.38 -3.13 -4.01
C PHE A 44 -0.94 -2.64 -3.82
N GLU A 45 -0.46 -1.83 -4.75
CA GLU A 45 0.87 -1.30 -4.70
C GLU A 45 0.88 0.10 -5.26
N SER A 46 1.99 0.75 -5.07
CA SER A 46 2.21 2.12 -5.53
C SER A 46 3.33 2.16 -6.57
N PRO A 47 2.99 2.27 -7.87
CA PRO A 47 4.00 2.31 -8.94
C PRO A 47 4.67 3.67 -9.02
N GLN A 48 5.35 4.06 -7.95
CA GLN A 48 6.04 5.35 -7.90
C GLN A 48 7.45 5.18 -7.32
N TYR A 49 8.35 6.06 -7.71
CA TYR A 49 9.72 6.01 -7.23
C TYR A 49 9.85 6.81 -5.93
N CYS A 50 10.35 6.16 -4.88
CA CYS A 50 10.51 6.81 -3.60
C CYS A 50 11.98 6.80 -3.15
N SER A 51 12.42 7.91 -2.58
CA SER A 51 13.79 8.04 -2.10
C SER A 51 14.08 7.06 -0.96
N THR A 52 13.06 6.83 -0.12
CA THR A 52 13.21 5.91 1.00
C THR A 52 12.07 4.90 1.05
N LEU A 53 12.31 3.77 1.71
CA LEU A 53 11.33 2.72 1.84
C LEU A 53 10.07 3.19 2.56
N ARG A 54 10.25 3.96 3.63
CA ARG A 54 9.11 4.46 4.41
C ARG A 54 8.17 5.28 3.52
N GLN A 55 8.75 6.02 2.58
CA GLN A 55 7.97 6.84 1.67
C GLN A 55 7.09 5.96 0.78
N ALA A 56 7.65 4.84 0.35
CA ALA A 56 6.93 3.90 -0.52
C ALA A 56 5.69 3.36 0.20
N GLU A 57 5.84 3.07 1.48
CA GLU A 57 4.74 2.55 2.28
C GLU A 57 3.61 3.56 2.33
N HIS A 58 3.97 4.83 2.46
CA HIS A 58 2.99 5.91 2.52
C HIS A 58 2.15 5.95 1.25
N SER A 59 2.81 5.89 0.10
CA SER A 59 2.12 5.92 -1.19
C SER A 59 1.20 4.74 -1.36
N ALA A 60 1.69 3.55 -1.00
CA ALA A 60 0.89 2.33 -1.12
C ALA A 60 -0.34 2.40 -0.23
N ALA A 61 -0.15 2.90 0.99
CA ALA A 61 -1.24 3.02 1.95
C ALA A 61 -2.34 3.93 1.42
N GLU A 62 -1.93 5.03 0.77
CA GLU A 62 -2.88 5.99 0.23
C GLU A 62 -3.77 5.32 -0.82
N VAL A 63 -3.17 4.50 -1.68
CA VAL A 63 -3.93 3.81 -2.71
C VAL A 63 -4.97 2.88 -2.10
N ALA A 64 -4.57 2.12 -1.09
CA ALA A 64 -5.48 1.19 -0.44
C ALA A 64 -6.67 1.93 0.17
N LEU A 65 -6.39 3.06 0.82
CA LEU A 65 -7.45 3.86 1.44
C LEU A 65 -8.41 4.39 0.38
N ASN A 66 -7.87 4.80 -0.76
CA ASN A 66 -8.68 5.34 -1.84
C ASN A 66 -9.68 4.29 -2.34
N ALA A 67 -9.24 3.04 -2.44
CA ALA A 67 -10.10 1.98 -2.91
C ALA A 67 -11.29 1.81 -1.97
N LEU A 68 -11.02 1.88 -0.67
CA LEU A 68 -12.07 1.75 0.34
C LEU A 68 -13.11 2.86 0.19
N SER A 69 -12.62 4.09 0.02
CA SER A 69 -13.51 5.24 -0.13
C SER A 69 -14.38 5.09 -1.39
N ASN A 70 -13.74 4.67 -2.47
CA ASN A 70 -14.42 4.49 -3.75
C ASN A 70 -13.83 3.30 -4.50
N ARG A 71 -14.67 2.30 -4.77
CA ARG A 71 -14.21 1.10 -5.49
C ARG A 71 -13.71 1.48 -6.88
N GLY A 72 -14.40 2.40 -7.53
CA GLY A 72 -14.01 2.84 -8.86
C GLY A 72 -14.53 1.96 -9.98
N LEU A 73 -15.33 0.96 -9.62
CA LEU A 73 -15.90 0.06 -10.63
C LEU A 73 -17.39 0.29 -10.78
N GLU A 74 -17.83 0.49 -12.03
CA GLU A 74 -19.24 0.72 -12.30
C GLU A 74 -19.68 -0.02 -13.57
N HIS A 75 -20.97 -0.32 -13.64
CA HIS A 75 -21.53 -1.03 -14.79
C HIS A 75 -20.72 -2.29 -15.11
N MET A 1 -1.42 10.42 9.57
CA MET A 1 -2.09 9.12 9.81
C MET A 1 -2.80 8.64 8.54
N TYR A 2 -2.06 7.95 7.68
CA TYR A 2 -2.63 7.44 6.43
C TYR A 2 -2.65 5.91 6.43
N LYS A 3 -1.46 5.31 6.38
CA LYS A 3 -1.34 3.86 6.38
C LYS A 3 -1.87 3.28 7.69
N ASN A 4 -1.83 4.08 8.75
CA ASN A 4 -2.31 3.64 10.05
C ASN A 4 -3.80 3.32 10.00
N GLN A 5 -4.55 4.15 9.26
CA GLN A 5 -5.99 3.95 9.14
C GLN A 5 -6.32 2.58 8.55
N LEU A 6 -5.51 2.12 7.61
CA LEU A 6 -5.75 0.83 6.99
C LEU A 6 -5.74 -0.31 8.01
N GLN A 7 -4.74 -0.31 8.89
CA GLN A 7 -4.64 -1.36 9.91
C GLN A 7 -5.74 -1.21 10.97
N GLU A 8 -6.18 0.03 11.18
CA GLU A 8 -7.23 0.27 12.17
C GLU A 8 -8.50 -0.47 11.78
N LEU A 9 -8.91 -0.30 10.52
CA LEU A 9 -10.11 -0.96 10.00
C LEU A 9 -9.85 -2.45 9.78
N ALA A 10 -8.59 -2.81 9.57
CA ALA A 10 -8.23 -4.20 9.34
C ALA A 10 -8.54 -5.04 10.57
N GLN A 11 -8.23 -4.50 11.73
CA GLN A 11 -8.47 -5.19 13.00
C GLN A 11 -9.97 -5.34 13.27
N ARG A 12 -10.72 -4.29 12.94
CA ARG A 12 -12.16 -4.28 13.14
C ARG A 12 -12.87 -5.29 12.25
N SER A 13 -12.27 -5.63 11.11
CA SER A 13 -12.88 -6.60 10.19
C SER A 13 -12.48 -8.04 10.56
N CYS A 14 -11.86 -8.21 11.72
CA CYS A 14 -11.44 -9.53 12.18
C CYS A 14 -10.37 -10.12 11.26
N PHE A 15 -9.45 -9.26 10.83
CA PHE A 15 -8.37 -9.69 9.95
C PHE A 15 -7.06 -9.71 10.75
N ASN A 16 -6.14 -10.59 10.38
CA ASN A 16 -4.87 -10.69 11.09
C ASN A 16 -3.90 -9.57 10.70
N LEU A 17 -4.34 -8.32 10.87
CA LEU A 17 -3.53 -7.16 10.55
C LEU A 17 -3.07 -7.16 9.08
N PRO A 18 -2.85 -5.96 8.50
CA PRO A 18 -2.40 -5.84 7.12
C PRO A 18 -0.94 -6.26 6.95
N SER A 19 -0.58 -6.71 5.76
CA SER A 19 0.80 -7.14 5.49
C SER A 19 1.47 -6.22 4.48
N TYR A 20 2.61 -5.64 4.87
CA TYR A 20 3.34 -4.74 3.99
C TYR A 20 4.68 -5.35 3.57
N THR A 21 4.96 -5.32 2.28
CA THR A 21 6.20 -5.86 1.77
C THR A 21 6.83 -4.90 0.75
N CYS A 22 8.16 -4.82 0.77
CA CYS A 22 8.87 -3.94 -0.15
C CYS A 22 9.27 -4.68 -1.42
N ILE A 23 9.02 -4.04 -2.57
CA ILE A 23 9.37 -4.65 -3.85
C ILE A 23 10.37 -3.79 -4.62
N ARG A 24 11.44 -4.43 -5.10
CA ARG A 24 12.48 -3.73 -5.84
C ARG A 24 12.58 -4.26 -7.27
N GLU A 25 12.72 -3.34 -8.23
CA GLU A 25 12.82 -3.71 -9.64
C GLU A 25 13.61 -2.67 -10.43
N GLY A 26 13.83 -2.96 -11.71
CA GLY A 26 14.56 -2.05 -12.57
C GLY A 26 16.04 -2.37 -12.65
N PRO A 27 16.78 -1.61 -13.48
CA PRO A 27 18.22 -1.82 -13.65
C PRO A 27 19.00 -1.68 -12.35
N ASP A 28 20.10 -2.40 -12.25
CA ASP A 28 20.93 -2.36 -11.05
C ASP A 28 21.45 -0.94 -10.82
N HIS A 29 21.82 -0.26 -11.90
CA HIS A 29 22.34 1.09 -11.81
C HIS A 29 21.29 2.01 -11.17
N ALA A 30 20.06 1.91 -11.65
CA ALA A 30 18.97 2.73 -11.14
C ALA A 30 17.95 1.87 -10.38
N PRO A 31 18.12 1.72 -9.04
CA PRO A 31 17.19 0.92 -8.24
C PRO A 31 15.84 1.58 -8.07
N ARG A 32 14.79 0.77 -7.91
CA ARG A 32 13.45 1.31 -7.74
C ARG A 32 12.78 0.69 -6.51
N PHE A 33 12.28 1.55 -5.62
CA PHE A 33 11.63 1.08 -4.40
C PHE A 33 10.11 1.26 -4.48
N LYS A 34 9.38 0.18 -4.22
CA LYS A 34 7.93 0.21 -4.25
C LYS A 34 7.37 -0.48 -3.02
N ALA A 35 6.18 -0.08 -2.61
CA ALA A 35 5.56 -0.68 -1.43
C ALA A 35 4.27 -1.41 -1.79
N THR A 36 4.14 -2.63 -1.28
CA THR A 36 2.94 -3.43 -1.53
C THR A 36 2.23 -3.78 -0.24
N VAL A 37 0.90 -3.72 -0.26
CA VAL A 37 0.12 -4.03 0.93
C VAL A 37 -1.05 -4.95 0.61
N ASN A 38 -1.22 -5.98 1.43
CA ASN A 38 -2.29 -6.95 1.25
C ASN A 38 -3.47 -6.66 2.18
N PHE A 39 -4.65 -6.51 1.61
CA PHE A 39 -5.85 -6.23 2.38
C PHE A 39 -7.00 -7.13 1.94
N ASN A 40 -7.28 -8.15 2.74
CA ASN A 40 -8.36 -9.09 2.44
C ASN A 40 -8.29 -9.59 1.00
N GLY A 41 -7.11 -10.00 0.56
CA GLY A 41 -6.96 -10.48 -0.80
C GLY A 41 -6.75 -9.38 -1.82
N GLU A 42 -6.70 -8.13 -1.34
CA GLU A 42 -6.50 -6.99 -2.20
C GLU A 42 -5.03 -6.63 -2.23
N ILE A 43 -4.52 -6.59 -3.43
CA ILE A 43 -3.12 -6.28 -3.67
C ILE A 43 -2.95 -4.93 -4.36
N PHE A 44 -2.23 -4.03 -3.68
CA PHE A 44 -1.96 -2.69 -4.20
C PHE A 44 -0.48 -2.37 -4.10
N GLU A 45 0.04 -1.63 -5.07
CA GLU A 45 1.42 -1.25 -5.09
C GLU A 45 1.53 0.21 -5.48
N SER A 46 2.67 0.75 -5.17
CA SER A 46 2.98 2.14 -5.46
C SER A 46 4.01 2.21 -6.59
N PRO A 47 3.59 2.49 -7.84
CA PRO A 47 4.50 2.57 -8.97
C PRO A 47 5.24 3.91 -9.05
N GLN A 48 5.82 4.31 -7.93
CA GLN A 48 6.55 5.58 -7.87
C GLN A 48 7.88 5.40 -7.16
N TYR A 49 8.88 6.16 -7.56
CA TYR A 49 10.20 6.06 -6.93
C TYR A 49 10.15 6.69 -5.54
N CYS A 50 10.74 6.01 -4.56
CA CYS A 50 10.74 6.52 -3.20
C CYS A 50 12.16 6.56 -2.63
N SER A 51 12.49 7.66 -1.96
CA SER A 51 13.80 7.82 -1.36
C SER A 51 14.02 6.77 -0.29
N THR A 52 12.98 6.50 0.49
CA THR A 52 13.04 5.51 1.56
C THR A 52 11.82 4.58 1.51
N LEU A 53 11.97 3.42 2.11
CA LEU A 53 10.90 2.43 2.15
C LEU A 53 9.64 2.96 2.84
N ARG A 54 9.81 3.66 3.96
CA ARG A 54 8.67 4.21 4.68
C ARG A 54 7.81 5.10 3.80
N GLN A 55 8.46 5.87 2.93
CA GLN A 55 7.73 6.76 2.03
C GLN A 55 6.87 5.95 1.07
N ALA A 56 7.42 4.82 0.60
CA ALA A 56 6.69 3.96 -0.31
C ALA A 56 5.44 3.41 0.36
N GLU A 57 5.57 3.02 1.62
CA GLU A 57 4.44 2.48 2.36
C GLU A 57 3.32 3.51 2.46
N HIS A 58 3.69 4.76 2.70
CA HIS A 58 2.71 5.84 2.81
C HIS A 58 1.99 6.03 1.49
N SER A 59 2.73 5.98 0.39
CA SER A 59 2.14 6.16 -0.93
C SER A 59 1.16 5.04 -1.23
N ALA A 60 1.54 3.81 -0.89
CA ALA A 60 0.69 2.65 -1.11
C ALA A 60 -0.60 2.77 -0.33
N ALA A 61 -0.50 3.27 0.89
CA ALA A 61 -1.66 3.46 1.77
C ALA A 61 -2.67 4.38 1.12
N GLU A 62 -2.18 5.42 0.46
CA GLU A 62 -3.06 6.39 -0.19
C GLU A 62 -3.92 5.68 -1.24
N VAL A 63 -3.30 4.82 -2.03
CA VAL A 63 -4.02 4.09 -3.06
C VAL A 63 -5.10 3.19 -2.45
N ALA A 64 -4.73 2.46 -1.39
CA ALA A 64 -5.67 1.57 -0.73
C ALA A 64 -6.87 2.34 -0.20
N LEU A 65 -6.62 3.49 0.42
CA LEU A 65 -7.69 4.31 0.97
C LEU A 65 -8.59 4.81 -0.16
N ASN A 66 -7.97 5.19 -1.28
CA ASN A 66 -8.71 5.69 -2.43
C ASN A 66 -9.68 4.63 -2.95
N ALA A 67 -9.21 3.39 -3.03
CA ALA A 67 -10.05 2.30 -3.51
C ALA A 67 -11.25 2.11 -2.59
N LEU A 68 -11.00 2.18 -1.29
CA LEU A 68 -12.06 2.02 -0.30
C LEU A 68 -13.12 3.11 -0.47
N SER A 69 -12.67 4.35 -0.65
CA SER A 69 -13.58 5.48 -0.83
C SER A 69 -14.40 5.32 -2.11
N ASN A 70 -13.73 4.86 -3.17
CA ASN A 70 -14.39 4.66 -4.45
C ASN A 70 -15.51 3.64 -4.34
N ARG A 71 -15.24 2.54 -3.65
CA ARG A 71 -16.23 1.50 -3.46
C ARG A 71 -17.37 1.99 -2.58
N GLY A 72 -17.07 2.95 -1.72
CA GLY A 72 -18.07 3.51 -0.83
C GLY A 72 -18.96 4.53 -1.51
N LEU A 73 -19.36 5.55 -0.76
CA LEU A 73 -20.23 6.60 -1.28
C LEU A 73 -19.57 7.36 -2.45
N GLU A 74 -18.28 7.62 -2.34
CA GLU A 74 -17.56 8.34 -3.39
C GLU A 74 -17.54 7.53 -4.68
N HIS A 75 -17.89 8.18 -5.79
CA HIS A 75 -17.91 7.52 -7.09
C HIS A 75 -16.78 8.02 -7.98
N MET A 1 -5.25 9.42 5.18
CA MET A 1 -4.63 10.68 5.67
C MET A 1 -3.11 10.53 5.74
N TYR A 2 -2.64 9.70 6.68
CA TYR A 2 -1.20 9.48 6.84
C TYR A 2 -0.84 8.03 6.56
N LYS A 3 -1.34 7.12 7.40
CA LYS A 3 -1.04 5.69 7.23
C LYS A 3 -1.74 4.86 8.31
N ASN A 4 -1.87 5.44 9.50
CA ASN A 4 -2.50 4.74 10.61
C ASN A 4 -3.97 4.47 10.36
N GLN A 5 -4.61 5.26 9.52
CA GLN A 5 -6.03 5.06 9.24
C GLN A 5 -6.31 3.68 8.66
N LEU A 6 -5.45 3.20 7.76
CA LEU A 6 -5.66 1.88 7.17
C LEU A 6 -5.59 0.79 8.24
N GLN A 7 -4.61 0.91 9.13
CA GLN A 7 -4.43 -0.06 10.21
C GLN A 7 -5.61 -0.07 11.15
N GLU A 8 -6.13 1.11 11.40
CA GLU A 8 -7.28 1.27 12.29
C GLU A 8 -8.48 0.49 11.76
N LEU A 9 -8.78 0.69 10.48
CA LEU A 9 -9.91 0.01 9.84
C LEU A 9 -9.59 -1.47 9.65
N ALA A 10 -8.32 -1.77 9.36
CA ALA A 10 -7.88 -3.15 9.15
C ALA A 10 -8.06 -3.99 10.41
N GLN A 11 -7.68 -3.41 11.55
CA GLN A 11 -7.80 -4.09 12.84
C GLN A 11 -9.26 -4.27 13.22
N ARG A 12 -10.06 -3.25 12.95
CA ARG A 12 -11.49 -3.27 13.26
C ARG A 12 -12.19 -4.43 12.55
N SER A 13 -11.64 -4.82 11.39
CA SER A 13 -12.22 -5.91 10.62
C SER A 13 -11.90 -7.27 11.26
N CYS A 14 -11.06 -7.26 12.29
CA CYS A 14 -10.67 -8.48 13.00
C CYS A 14 -9.89 -9.45 12.12
N PHE A 15 -9.02 -8.92 11.26
CA PHE A 15 -8.22 -9.76 10.38
C PHE A 15 -6.73 -9.38 10.48
N ASN A 16 -5.87 -10.40 10.47
CA ASN A 16 -4.43 -10.17 10.56
C ASN A 16 -3.69 -10.66 9.31
N LEU A 17 -4.44 -11.21 8.35
CA LEU A 17 -3.85 -11.72 7.11
C LEU A 17 -3.14 -10.61 6.31
N PRO A 18 -3.74 -9.41 6.16
CA PRO A 18 -3.11 -8.32 5.40
C PRO A 18 -1.71 -8.00 5.89
N SER A 19 -0.80 -7.80 4.94
CA SER A 19 0.59 -7.48 5.26
C SER A 19 1.20 -6.58 4.20
N TYR A 20 2.32 -5.95 4.54
CA TYR A 20 3.00 -5.05 3.61
C TYR A 20 4.32 -5.66 3.16
N THR A 21 4.56 -5.64 1.85
CA THR A 21 5.78 -6.18 1.28
C THR A 21 6.40 -5.19 0.32
N CYS A 22 7.73 -5.03 0.40
CA CYS A 22 8.42 -4.11 -0.47
C CYS A 22 8.88 -4.79 -1.75
N ILE A 23 8.67 -4.14 -2.88
CA ILE A 23 9.07 -4.70 -4.17
C ILE A 23 10.13 -3.84 -4.84
N ARG A 24 11.24 -4.47 -5.22
CA ARG A 24 12.33 -3.77 -5.87
C ARG A 24 12.68 -4.41 -7.22
N GLU A 25 13.01 -3.58 -8.20
CA GLU A 25 13.35 -4.07 -9.54
C GLU A 25 14.14 -3.03 -10.33
N GLY A 26 15.01 -3.51 -11.21
CA GLY A 26 15.81 -2.60 -12.02
C GLY A 26 17.30 -2.70 -11.73
N PRO A 27 18.12 -1.96 -12.48
CA PRO A 27 19.58 -1.97 -12.31
C PRO A 27 20.01 -1.29 -11.02
N ASP A 28 21.22 -1.59 -10.58
CA ASP A 28 21.76 -1.01 -9.35
C ASP A 28 21.84 0.52 -9.44
N HIS A 29 22.24 1.02 -10.59
CA HIS A 29 22.36 2.47 -10.78
C HIS A 29 21.01 3.15 -10.62
N ALA A 30 19.97 2.56 -11.22
CA ALA A 30 18.62 3.12 -11.14
C ALA A 30 17.69 2.19 -10.37
N PRO A 31 17.73 2.24 -9.03
CA PRO A 31 16.87 1.38 -8.19
C PRO A 31 15.41 1.84 -8.21
N ARG A 32 14.49 0.87 -8.08
CA ARG A 32 13.07 1.18 -8.08
C ARG A 32 12.43 0.61 -6.81
N PHE A 33 11.94 1.47 -5.94
CA PHE A 33 11.31 1.01 -4.70
C PHE A 33 9.79 1.18 -4.74
N LYS A 34 9.09 0.09 -4.43
CA LYS A 34 7.64 0.11 -4.44
C LYS A 34 7.09 -0.60 -3.22
N ALA A 35 5.90 -0.22 -2.81
CA ALA A 35 5.27 -0.84 -1.64
C ALA A 35 3.96 -1.52 -2.03
N THR A 36 3.78 -2.75 -1.55
CA THR A 36 2.55 -3.49 -1.85
C THR A 36 1.88 -4.00 -0.59
N VAL A 37 0.57 -4.15 -0.64
CA VAL A 37 -0.20 -4.63 0.51
C VAL A 37 -1.33 -5.57 0.07
N ASN A 38 -1.51 -6.65 0.82
CA ASN A 38 -2.56 -7.63 0.52
C ASN A 38 -3.78 -7.39 1.41
N PHE A 39 -4.96 -7.47 0.81
CA PHE A 39 -6.21 -7.26 1.53
C PHE A 39 -7.29 -8.22 1.05
N ASN A 40 -7.44 -9.32 1.77
CA ASN A 40 -8.43 -10.35 1.45
C ASN A 40 -8.44 -10.69 -0.05
N GLY A 41 -7.26 -10.92 -0.61
CA GLY A 41 -7.19 -11.25 -2.03
C GLY A 41 -7.05 -10.03 -2.93
N GLU A 42 -6.89 -8.86 -2.34
CA GLU A 42 -6.74 -7.62 -3.08
C GLU A 42 -5.35 -7.10 -2.84
N ILE A 43 -4.61 -6.98 -3.90
CA ILE A 43 -3.23 -6.50 -3.84
C ILE A 43 -3.05 -5.22 -4.62
N PHE A 44 -2.45 -4.23 -3.98
CA PHE A 44 -2.21 -2.95 -4.62
C PHE A 44 -0.73 -2.57 -4.55
N GLU A 45 -0.27 -1.82 -5.53
CA GLU A 45 1.08 -1.39 -5.60
C GLU A 45 1.11 0.09 -5.91
N SER A 46 2.19 0.71 -5.53
CA SER A 46 2.39 2.12 -5.73
C SER A 46 3.43 2.36 -6.83
N PRO A 47 3.02 2.75 -8.04
CA PRO A 47 3.95 3.00 -9.14
C PRO A 47 4.66 4.34 -8.99
N GLN A 48 5.35 4.51 -7.86
CA GLN A 48 6.07 5.74 -7.59
C GLN A 48 7.47 5.44 -7.08
N TYR A 49 8.42 6.34 -7.38
CA TYR A 49 9.79 6.16 -6.94
C TYR A 49 10.02 6.90 -5.64
N CYS A 50 10.50 6.19 -4.62
CA CYS A 50 10.75 6.80 -3.32
C CYS A 50 12.21 6.66 -2.91
N SER A 51 12.73 7.68 -2.22
CA SER A 51 14.12 7.66 -1.77
C SER A 51 14.33 6.58 -0.72
N THR A 52 13.31 6.37 0.11
CA THR A 52 13.38 5.36 1.16
C THR A 52 12.16 4.44 1.14
N LEU A 53 12.32 3.25 1.70
CA LEU A 53 11.24 2.27 1.74
C LEU A 53 10.03 2.77 2.52
N ARG A 54 10.26 3.40 3.66
CA ARG A 54 9.17 3.92 4.48
C ARG A 54 8.28 4.84 3.67
N GLN A 55 8.88 5.65 2.81
CA GLN A 55 8.12 6.58 1.98
C GLN A 55 7.22 5.81 1.01
N ALA A 56 7.75 4.72 0.47
CA ALA A 56 7.00 3.90 -0.48
C ALA A 56 5.75 3.31 0.19
N GLU A 57 5.93 2.85 1.42
CA GLU A 57 4.83 2.27 2.18
C GLU A 57 3.72 3.31 2.36
N HIS A 58 4.12 4.54 2.63
CA HIS A 58 3.17 5.63 2.82
C HIS A 58 2.32 5.84 1.57
N SER A 59 2.98 5.91 0.41
CA SER A 59 2.28 6.11 -0.85
C SER A 59 1.33 4.95 -1.15
N ALA A 60 1.78 3.73 -0.88
CA ALA A 60 0.96 2.55 -1.14
C ALA A 60 -0.30 2.58 -0.26
N ALA A 61 -0.12 3.00 0.98
CA ALA A 61 -1.23 3.09 1.93
C ALA A 61 -2.30 4.05 1.42
N GLU A 62 -1.85 5.16 0.82
CA GLU A 62 -2.78 6.16 0.30
C GLU A 62 -3.70 5.53 -0.74
N VAL A 63 -3.12 4.74 -1.64
CA VAL A 63 -3.90 4.10 -2.69
C VAL A 63 -4.93 3.15 -2.08
N ALA A 64 -4.49 2.36 -1.10
CA ALA A 64 -5.39 1.41 -0.44
C ALA A 64 -6.56 2.13 0.23
N LEU A 65 -6.27 3.23 0.90
CA LEU A 65 -7.32 4.00 1.57
C LEU A 65 -8.31 4.56 0.55
N ASN A 66 -7.78 5.03 -0.57
CA ASN A 66 -8.62 5.59 -1.63
C ASN A 66 -9.57 4.53 -2.16
N ALA A 67 -9.08 3.31 -2.35
CA ALA A 67 -9.91 2.23 -2.84
C ALA A 67 -11.02 1.92 -1.85
N LEU A 68 -10.67 1.93 -0.57
CA LEU A 68 -11.64 1.67 0.49
C LEU A 68 -12.76 2.70 0.48
N SER A 69 -12.39 3.97 0.36
CA SER A 69 -13.36 5.06 0.33
C SER A 69 -14.25 4.98 -0.90
N ASN A 70 -13.63 4.61 -2.02
CA ASN A 70 -14.36 4.49 -3.28
C ASN A 70 -14.24 3.08 -3.84
N ARG A 71 -15.35 2.35 -3.83
CA ARG A 71 -15.38 0.99 -4.35
C ARG A 71 -16.46 0.83 -5.41
N GLY A 72 -16.08 0.27 -6.56
CA GLY A 72 -17.03 0.08 -7.63
C GLY A 72 -16.42 -0.59 -8.85
N LEU A 73 -17.22 -0.77 -9.89
CA LEU A 73 -16.76 -1.40 -11.12
C LEU A 73 -15.90 -0.42 -11.93
N GLU A 74 -14.90 -0.97 -12.62
CA GLU A 74 -14.01 -0.15 -13.44
C GLU A 74 -14.74 0.35 -14.69
N HIS A 75 -14.40 1.56 -15.10
CA HIS A 75 -15.01 2.16 -16.28
C HIS A 75 -14.31 1.72 -17.56
N MET A 1 -4.49 9.59 4.81
CA MET A 1 -3.54 10.59 5.34
C MET A 1 -2.28 9.90 5.87
N TYR A 2 -2.48 8.88 6.69
CA TYR A 2 -1.36 8.15 7.28
C TYR A 2 -1.56 6.64 7.13
N LYS A 3 -0.46 5.91 7.05
CA LYS A 3 -0.50 4.47 6.93
C LYS A 3 -1.22 3.84 8.12
N ASN A 4 -1.24 4.57 9.23
CA ASN A 4 -1.90 4.11 10.45
C ASN A 4 -3.38 3.90 10.21
N GLN A 5 -3.99 4.77 9.41
CA GLN A 5 -5.41 4.68 9.11
C GLN A 5 -5.77 3.31 8.52
N LEU A 6 -4.91 2.80 7.64
CA LEU A 6 -5.17 1.51 7.02
C LEU A 6 -5.23 0.40 8.08
N GLN A 7 -4.28 0.43 9.01
CA GLN A 7 -4.21 -0.56 10.08
C GLN A 7 -5.44 -0.48 10.97
N GLU A 8 -5.84 0.75 11.24
CA GLU A 8 -6.99 1.00 12.09
C GLU A 8 -8.25 0.38 11.47
N LEU A 9 -8.45 0.65 10.19
CA LEU A 9 -9.59 0.12 9.45
C LEU A 9 -9.45 -1.38 9.23
N ALA A 10 -8.21 -1.83 9.06
CA ALA A 10 -7.94 -3.23 8.83
C ALA A 10 -8.38 -4.08 10.01
N GLN A 11 -8.05 -3.60 11.21
CA GLN A 11 -8.41 -4.30 12.44
C GLN A 11 -9.91 -4.25 12.70
N ARG A 12 -10.52 -3.10 12.42
CA ARG A 12 -11.96 -2.92 12.62
C ARG A 12 -12.76 -3.93 11.80
N SER A 13 -12.29 -4.22 10.59
CA SER A 13 -12.97 -5.17 9.72
C SER A 13 -12.59 -6.62 10.05
N CYS A 14 -11.85 -6.81 11.15
CA CYS A 14 -11.43 -8.14 11.59
C CYS A 14 -10.45 -8.76 10.60
N PHE A 15 -9.64 -7.91 9.97
CA PHE A 15 -8.64 -8.37 9.01
C PHE A 15 -7.53 -9.13 9.73
N ASN A 16 -7.03 -10.18 9.11
CA ASN A 16 -5.97 -10.98 9.71
C ASN A 16 -4.59 -10.33 9.56
N LEU A 17 -4.44 -9.14 10.16
CA LEU A 17 -3.18 -8.40 10.09
C LEU A 17 -2.67 -8.19 8.66
N PRO A 18 -2.80 -6.97 8.10
CA PRO A 18 -2.34 -6.68 6.73
C PRO A 18 -0.86 -7.04 6.55
N SER A 19 -0.50 -7.47 5.35
CA SER A 19 0.87 -7.85 5.07
C SER A 19 1.49 -6.94 4.03
N TYR A 20 2.66 -6.38 4.34
CA TYR A 20 3.36 -5.48 3.44
C TYR A 20 4.66 -6.10 2.95
N THR A 21 4.88 -6.07 1.64
CA THR A 21 6.08 -6.62 1.05
C THR A 21 6.72 -5.58 0.15
N CYS A 22 8.01 -5.34 0.34
CA CYS A 22 8.71 -4.37 -0.47
C CYS A 22 9.16 -5.00 -1.78
N ILE A 23 8.93 -4.29 -2.88
CA ILE A 23 9.32 -4.79 -4.20
C ILE A 23 10.41 -3.93 -4.83
N ARG A 24 11.50 -4.56 -5.22
CA ARG A 24 12.63 -3.86 -5.85
C ARG A 24 12.77 -4.27 -7.31
N GLU A 25 13.00 -3.29 -8.18
CA GLU A 25 13.14 -3.56 -9.60
C GLU A 25 14.04 -2.52 -10.28
N GLY A 26 14.24 -2.68 -11.58
CA GLY A 26 15.08 -1.76 -12.32
C GLY A 26 16.56 -2.12 -12.29
N PRO A 27 17.40 -1.32 -12.96
CA PRO A 27 18.84 -1.55 -13.02
C PRO A 27 19.53 -1.28 -11.69
N ASP A 28 20.70 -1.88 -11.51
CA ASP A 28 21.47 -1.70 -10.28
C ASP A 28 21.83 -0.24 -10.07
N HIS A 29 22.17 0.44 -11.17
CA HIS A 29 22.54 1.85 -11.10
C HIS A 29 21.39 2.71 -10.60
N ALA A 30 20.18 2.40 -11.06
CA ALA A 30 18.99 3.15 -10.65
C ALA A 30 18.00 2.27 -9.87
N PRO A 31 18.20 2.10 -8.55
CA PRO A 31 17.31 1.27 -7.71
C PRO A 31 15.88 1.80 -7.67
N ARG A 32 14.90 0.90 -7.61
CA ARG A 32 13.49 1.28 -7.55
C ARG A 32 12.82 0.63 -6.36
N PHE A 33 12.28 1.44 -5.46
CA PHE A 33 11.60 0.90 -4.28
C PHE A 33 10.09 1.10 -4.37
N LYS A 34 9.36 0.00 -4.17
CA LYS A 34 7.91 0.02 -4.22
C LYS A 34 7.33 -0.71 -3.03
N ALA A 35 6.14 -0.32 -2.61
CA ALA A 35 5.48 -0.97 -1.48
C ALA A 35 4.21 -1.65 -1.92
N THR A 36 4.04 -2.90 -1.49
CA THR A 36 2.84 -3.66 -1.85
C THR A 36 2.17 -4.21 -0.59
N VAL A 37 0.84 -4.29 -0.61
CA VAL A 37 0.10 -4.80 0.54
C VAL A 37 -1.02 -5.74 0.13
N ASN A 38 -1.18 -6.84 0.87
CA ASN A 38 -2.22 -7.82 0.57
C ASN A 38 -3.48 -7.53 1.39
N PHE A 39 -4.64 -7.55 0.73
CA PHE A 39 -5.90 -7.28 1.42
C PHE A 39 -7.02 -8.21 0.98
N ASN A 40 -7.26 -9.24 1.76
CA ASN A 40 -8.32 -10.22 1.48
C ASN A 40 -8.29 -10.69 0.03
N GLY A 41 -7.13 -11.12 -0.45
CA GLY A 41 -7.03 -11.59 -1.81
C GLY A 41 -6.85 -10.48 -2.83
N GLU A 42 -6.81 -9.24 -2.35
CA GLU A 42 -6.63 -8.10 -3.23
C GLU A 42 -5.39 -7.34 -2.80
N ILE A 43 -4.44 -7.32 -3.70
CA ILE A 43 -3.17 -6.66 -3.45
C ILE A 43 -3.10 -5.29 -4.11
N PHE A 44 -2.60 -4.32 -3.36
CA PHE A 44 -2.47 -2.96 -3.87
C PHE A 44 -1.03 -2.46 -3.69
N GLU A 45 -0.59 -1.60 -4.59
CA GLU A 45 0.74 -1.05 -4.53
C GLU A 45 0.72 0.36 -5.07
N SER A 46 1.83 1.01 -4.89
CA SER A 46 2.00 2.39 -5.32
C SER A 46 3.16 2.49 -6.32
N PRO A 47 2.87 2.24 -7.62
CA PRO A 47 3.90 2.29 -8.66
C PRO A 47 4.52 3.68 -8.80
N GLN A 48 5.50 3.96 -7.94
CA GLN A 48 6.18 5.25 -7.97
C GLN A 48 7.59 5.12 -7.40
N TYR A 49 8.41 6.15 -7.59
CA TYR A 49 9.78 6.14 -7.10
C TYR A 49 9.86 6.78 -5.72
N CYS A 50 10.34 6.01 -4.74
CA CYS A 50 10.47 6.51 -3.38
C CYS A 50 11.92 6.45 -2.91
N SER A 51 12.38 7.55 -2.31
CA SER A 51 13.76 7.62 -1.82
C SER A 51 13.96 6.69 -0.62
N THR A 52 12.87 6.38 0.07
CA THR A 52 12.93 5.50 1.24
C THR A 52 11.78 4.50 1.23
N LEU A 53 12.03 3.31 1.76
CA LEU A 53 11.03 2.26 1.80
C LEU A 53 9.77 2.69 2.57
N ARG A 54 9.98 3.34 3.71
CA ARG A 54 8.86 3.80 4.53
C ARG A 54 7.94 4.70 3.72
N GLN A 55 8.53 5.50 2.84
CA GLN A 55 7.75 6.41 2.00
C GLN A 55 6.84 5.62 1.06
N ALA A 56 7.39 4.52 0.52
CA ALA A 56 6.63 3.67 -0.39
C ALA A 56 5.42 3.08 0.30
N GLU A 57 5.60 2.64 1.54
CA GLU A 57 4.50 2.06 2.32
C GLU A 57 3.40 3.09 2.54
N HIS A 58 3.80 4.32 2.83
CA HIS A 58 2.86 5.40 3.07
C HIS A 58 2.00 5.65 1.84
N SER A 59 2.64 5.75 0.69
CA SER A 59 1.94 5.98 -0.57
C SER A 59 0.99 4.84 -0.91
N ALA A 60 1.44 3.61 -0.66
CA ALA A 60 0.62 2.43 -0.94
C ALA A 60 -0.64 2.45 -0.09
N ALA A 61 -0.49 2.84 1.17
CA ALA A 61 -1.61 2.90 2.10
C ALA A 61 -2.64 3.92 1.63
N GLU A 62 -2.17 5.04 1.10
CA GLU A 62 -3.05 6.09 0.61
C GLU A 62 -3.95 5.57 -0.50
N VAL A 63 -3.37 4.83 -1.45
CA VAL A 63 -4.12 4.28 -2.55
C VAL A 63 -5.20 3.31 -2.06
N ALA A 64 -4.82 2.43 -1.14
CA ALA A 64 -5.76 1.46 -0.58
C ALA A 64 -6.92 2.15 0.11
N LEU A 65 -6.62 3.22 0.85
CA LEU A 65 -7.66 3.96 1.56
C LEU A 65 -8.64 4.58 0.57
N ASN A 66 -8.10 5.08 -0.54
CA ASN A 66 -8.92 5.71 -1.58
C ASN A 66 -9.92 4.70 -2.15
N ALA A 67 -9.45 3.49 -2.41
CA ALA A 67 -10.30 2.44 -2.96
C ALA A 67 -11.43 2.12 -2.00
N LEU A 68 -11.10 2.04 -0.71
CA LEU A 68 -12.08 1.74 0.32
C LEU A 68 -13.18 2.81 0.38
N SER A 69 -12.77 4.07 0.32
CA SER A 69 -13.72 5.18 0.35
C SER A 69 -14.63 5.14 -0.87
N ASN A 70 -14.12 4.61 -1.97
CA ASN A 70 -14.89 4.52 -3.19
C ASN A 70 -15.58 3.16 -3.29
N ARG A 71 -16.87 3.13 -2.95
CA ARG A 71 -17.63 1.89 -3.01
C ARG A 71 -17.67 1.35 -4.44
N GLY A 72 -17.97 2.24 -5.38
CA GLY A 72 -18.04 1.85 -6.78
C GLY A 72 -19.12 0.81 -7.05
N LEU A 73 -20.16 0.82 -6.23
CA LEU A 73 -21.26 -0.13 -6.39
C LEU A 73 -21.97 0.05 -7.73
N GLU A 74 -22.25 1.30 -8.09
CA GLU A 74 -22.95 1.58 -9.35
C GLU A 74 -22.02 1.38 -10.55
N HIS A 75 -22.60 0.90 -11.65
CA HIS A 75 -21.83 0.64 -12.88
C HIS A 75 -20.57 -0.16 -12.58
N MET A 1 -1.57 9.45 10.60
CA MET A 1 -2.81 8.69 10.30
C MET A 1 -2.91 8.41 8.80
N TYR A 2 -1.80 8.03 8.19
CA TYR A 2 -1.77 7.73 6.76
C TYR A 2 -1.71 6.22 6.53
N LYS A 3 -1.06 5.53 7.45
CA LYS A 3 -0.92 4.08 7.36
C LYS A 3 -1.65 3.40 8.51
N ASN A 4 -1.78 4.10 9.63
CA ASN A 4 -2.45 3.59 10.81
C ASN A 4 -3.94 3.35 10.55
N GLN A 5 -4.52 4.16 9.67
CA GLN A 5 -5.94 4.04 9.35
C GLN A 5 -6.29 2.64 8.83
N LEU A 6 -5.44 2.06 7.98
CA LEU A 6 -5.71 0.73 7.45
C LEU A 6 -5.78 -0.30 8.57
N GLN A 7 -4.85 -0.22 9.51
CA GLN A 7 -4.80 -1.14 10.63
C GLN A 7 -6.03 -1.00 11.51
N GLU A 8 -6.44 0.24 11.67
CA GLU A 8 -7.61 0.55 12.49
C GLU A 8 -8.85 -0.15 11.94
N LEU A 9 -9.09 0.02 10.64
CA LEU A 9 -10.24 -0.60 9.98
C LEU A 9 -10.03 -2.11 9.83
N ALA A 10 -8.77 -2.50 9.66
CA ALA A 10 -8.42 -3.91 9.50
C ALA A 10 -8.79 -4.73 10.72
N GLN A 11 -8.46 -4.20 11.90
CA GLN A 11 -8.75 -4.86 13.16
C GLN A 11 -10.25 -4.87 13.45
N ARG A 12 -10.90 -3.77 13.13
CA ARG A 12 -12.34 -3.60 13.34
C ARG A 12 -13.14 -4.67 12.62
N SER A 13 -12.66 -5.10 11.46
CA SER A 13 -13.36 -6.12 10.68
C SER A 13 -13.22 -7.50 11.34
N CYS A 14 -12.33 -7.60 12.33
CA CYS A 14 -12.10 -8.86 13.04
C CYS A 14 -11.79 -10.00 12.08
N PHE A 15 -11.36 -9.68 10.87
CA PHE A 15 -11.05 -10.73 9.89
C PHE A 15 -10.13 -10.20 8.79
N ASN A 16 -9.48 -9.07 9.05
CA ASN A 16 -8.59 -8.46 8.08
C ASN A 16 -7.23 -8.18 8.70
N LEU A 17 -6.25 -8.95 8.26
CA LEU A 17 -4.89 -8.81 8.75
C LEU A 17 -3.96 -8.50 7.58
N PRO A 18 -3.93 -7.23 7.14
CA PRO A 18 -3.09 -6.81 6.02
C PRO A 18 -1.60 -6.80 6.38
N SER A 19 -0.77 -6.92 5.35
CA SER A 19 0.67 -6.93 5.53
C SER A 19 1.35 -6.04 4.49
N TYR A 20 2.47 -5.44 4.86
CA TYR A 20 3.21 -4.58 3.95
C TYR A 20 4.51 -5.23 3.51
N THR A 21 4.75 -5.26 2.20
CA THR A 21 5.96 -5.86 1.67
C THR A 21 6.61 -4.93 0.65
N CYS A 22 7.93 -4.86 0.68
CA CYS A 22 8.66 -4.01 -0.25
C CYS A 22 9.06 -4.78 -1.50
N ILE A 23 8.85 -4.16 -2.66
CA ILE A 23 9.21 -4.79 -3.93
C ILE A 23 10.25 -3.98 -4.68
N ARG A 24 11.31 -4.65 -5.12
CA ARG A 24 12.39 -3.99 -5.85
C ARG A 24 12.53 -4.56 -7.26
N GLU A 25 12.59 -3.67 -8.25
CA GLU A 25 12.72 -4.09 -9.64
C GLU A 25 13.47 -3.04 -10.46
N GLY A 26 14.15 -3.50 -11.51
CA GLY A 26 14.89 -2.59 -12.37
C GLY A 26 15.46 -3.28 -13.59
N PRO A 27 15.95 -2.52 -14.58
CA PRO A 27 16.52 -3.08 -15.79
C PRO A 27 18.02 -3.40 -15.66
N ASP A 28 18.89 -2.47 -16.05
CA ASP A 28 20.33 -2.70 -15.95
C ASP A 28 20.86 -2.35 -14.56
N HIS A 29 21.10 -1.06 -14.32
CA HIS A 29 21.61 -0.60 -13.04
C HIS A 29 20.70 0.47 -12.44
N ALA A 30 19.42 0.44 -12.82
CA ALA A 30 18.47 1.42 -12.31
C ALA A 30 17.45 0.75 -11.38
N PRO A 31 17.79 0.63 -10.09
CA PRO A 31 16.89 0.00 -9.11
C PRO A 31 15.71 0.89 -8.76
N ARG A 32 14.58 0.26 -8.44
CA ARG A 32 13.37 0.99 -8.08
C ARG A 32 12.73 0.38 -6.84
N PHE A 33 12.28 1.24 -5.93
CA PHE A 33 11.65 0.76 -4.70
C PHE A 33 10.15 1.02 -4.72
N LYS A 34 9.38 -0.01 -4.40
CA LYS A 34 7.93 0.09 -4.38
C LYS A 34 7.37 -0.59 -3.15
N ALA A 35 6.17 -0.17 -2.76
CA ALA A 35 5.53 -0.76 -1.59
C ALA A 35 4.21 -1.42 -1.96
N THR A 36 3.99 -2.62 -1.45
CA THR A 36 2.75 -3.35 -1.72
C THR A 36 2.07 -3.79 -0.43
N VAL A 37 0.74 -3.86 -0.48
CA VAL A 37 -0.03 -4.26 0.69
C VAL A 37 -1.17 -5.21 0.31
N ASN A 38 -1.34 -6.26 1.09
CA ASN A 38 -2.39 -7.24 0.85
C ASN A 38 -3.60 -6.98 1.73
N PHE A 39 -4.80 -6.98 1.12
CA PHE A 39 -6.03 -6.74 1.86
C PHE A 39 -7.13 -7.68 1.41
N ASN A 40 -7.35 -8.73 2.20
CA ASN A 40 -8.37 -9.72 1.89
C ASN A 40 -8.29 -10.18 0.43
N GLY A 41 -7.09 -10.52 -0.02
CA GLY A 41 -6.94 -10.95 -1.40
C GLY A 41 -6.77 -9.81 -2.39
N GLU A 42 -6.68 -8.58 -1.88
CA GLU A 42 -6.51 -7.42 -2.71
C GLU A 42 -5.07 -6.99 -2.65
N ILE A 43 -4.46 -6.94 -3.81
CA ILE A 43 -3.07 -6.56 -3.96
C ILE A 43 -2.91 -5.21 -4.65
N PHE A 44 -2.24 -4.28 -3.97
CA PHE A 44 -2.00 -2.95 -4.52
C PHE A 44 -0.53 -2.60 -4.49
N GLU A 45 -0.07 -1.87 -5.50
CA GLU A 45 1.29 -1.46 -5.61
C GLU A 45 1.33 0.02 -5.94
N SER A 46 2.42 0.61 -5.55
CA SER A 46 2.66 2.02 -5.76
C SER A 46 3.74 2.23 -6.82
N PRO A 47 3.35 2.39 -8.10
CA PRO A 47 4.32 2.58 -9.19
C PRO A 47 4.95 3.97 -9.16
N GLN A 48 5.67 4.25 -8.06
CA GLN A 48 6.33 5.54 -7.90
C GLN A 48 7.73 5.33 -7.34
N TYR A 49 8.64 6.24 -7.66
CA TYR A 49 10.01 6.13 -7.18
C TYR A 49 10.16 6.91 -5.88
N CYS A 50 10.64 6.22 -4.84
CA CYS A 50 10.83 6.86 -3.54
C CYS A 50 12.28 6.79 -3.09
N SER A 51 12.75 7.87 -2.49
CA SER A 51 14.12 7.95 -2.01
C SER A 51 14.36 6.93 -0.90
N THR A 52 13.34 6.71 -0.08
CA THR A 52 13.44 5.76 1.03
C THR A 52 12.27 4.79 1.03
N LEU A 53 12.47 3.63 1.64
CA LEU A 53 11.43 2.60 1.72
C LEU A 53 10.19 3.09 2.47
N ARG A 54 10.40 3.81 3.58
CA ARG A 54 9.28 4.31 4.36
C ARG A 54 8.35 5.16 3.51
N GLN A 55 8.93 5.94 2.60
CA GLN A 55 8.13 6.80 1.73
C GLN A 55 7.26 5.96 0.80
N ALA A 56 7.83 4.86 0.30
CA ALA A 56 7.11 3.97 -0.60
C ALA A 56 5.89 3.38 0.11
N GLU A 57 6.07 2.99 1.36
CA GLU A 57 4.99 2.41 2.15
C GLU A 57 3.84 3.41 2.30
N HIS A 58 4.18 4.67 2.54
CA HIS A 58 3.18 5.71 2.70
C HIS A 58 2.38 5.91 1.41
N SER A 59 3.06 5.90 0.27
CA SER A 59 2.40 6.08 -1.02
C SER A 59 1.44 4.94 -1.30
N ALA A 60 1.89 3.72 -1.02
CA ALA A 60 1.07 2.54 -1.25
C ALA A 60 -0.18 2.57 -0.38
N ALA A 61 0.00 3.01 0.86
CA ALA A 61 -1.11 3.11 1.82
C ALA A 61 -2.17 4.08 1.32
N GLU A 62 -1.73 5.18 0.72
CA GLU A 62 -2.64 6.18 0.20
C GLU A 62 -3.55 5.57 -0.86
N VAL A 63 -2.97 4.77 -1.75
CA VAL A 63 -3.74 4.13 -2.81
C VAL A 63 -4.79 3.20 -2.23
N ALA A 64 -4.39 2.40 -1.25
CA ALA A 64 -5.31 1.46 -0.61
C ALA A 64 -6.48 2.20 0.03
N LEU A 65 -6.18 3.31 0.69
CA LEU A 65 -7.21 4.10 1.34
C LEU A 65 -8.18 4.65 0.31
N ASN A 66 -7.64 5.07 -0.83
CA ASN A 66 -8.46 5.62 -1.90
C ASN A 66 -9.46 4.58 -2.40
N ALA A 67 -9.01 3.34 -2.53
CA ALA A 67 -9.87 2.26 -2.99
C ALA A 67 -11.04 2.07 -2.04
N LEU A 68 -10.75 2.10 -0.73
CA LEU A 68 -11.77 1.94 0.28
C LEU A 68 -12.80 3.07 0.20
N SER A 69 -12.31 4.29 0.00
CA SER A 69 -13.17 5.45 -0.11
C SER A 69 -14.06 5.36 -1.34
N ASN A 70 -13.48 4.87 -2.44
CA ASN A 70 -14.21 4.72 -3.69
C ASN A 70 -14.94 3.39 -3.76
N ARG A 71 -16.24 3.42 -3.49
CA ARG A 71 -17.07 2.23 -3.51
C ARG A 71 -17.13 1.63 -4.91
N GLY A 72 -17.20 2.51 -5.92
CA GLY A 72 -17.27 2.04 -7.29
C GLY A 72 -16.07 1.20 -7.70
N LEU A 73 -16.32 0.21 -8.54
CA LEU A 73 -15.26 -0.68 -9.00
C LEU A 73 -14.36 0.03 -10.02
N GLU A 74 -13.06 -0.22 -9.93
CA GLU A 74 -12.10 0.38 -10.84
C GLU A 74 -11.84 -0.53 -12.04
N HIS A 75 -11.89 0.04 -13.23
CA HIS A 75 -11.66 -0.72 -14.46
C HIS A 75 -12.51 -1.99 -14.48
N MET A 1 -1.03 11.03 5.86
CA MET A 1 0.34 11.30 6.39
C MET A 1 0.80 10.18 7.32
N TYR A 2 -0.12 9.32 7.75
CA TYR A 2 0.22 8.22 8.64
C TYR A 2 -0.30 6.89 8.11
N LYS A 3 0.46 5.82 8.37
CA LYS A 3 0.10 4.48 7.93
C LYS A 3 -0.92 3.84 8.89
N ASN A 4 -1.13 4.46 10.04
CA ASN A 4 -2.06 3.94 11.04
C ASN A 4 -3.49 3.99 10.53
N GLN A 5 -3.79 4.93 9.64
CA GLN A 5 -5.13 5.06 9.08
C GLN A 5 -5.58 3.76 8.41
N LEU A 6 -4.71 3.14 7.62
CA LEU A 6 -5.05 1.91 6.94
C LEU A 6 -5.30 0.79 7.97
N GLN A 7 -4.43 0.73 8.97
CA GLN A 7 -4.53 -0.27 10.02
C GLN A 7 -5.76 -0.04 10.89
N GLU A 8 -6.20 1.21 10.96
CA GLU A 8 -7.36 1.57 11.77
C GLU A 8 -8.58 0.79 11.31
N LEU A 9 -8.85 0.83 10.00
CA LEU A 9 -10.00 0.11 9.45
C LEU A 9 -9.69 -1.38 9.32
N ALA A 10 -8.41 -1.72 9.19
CA ALA A 10 -7.99 -3.11 9.04
C ALA A 10 -8.35 -3.91 10.30
N GLN A 11 -8.09 -3.30 11.46
CA GLN A 11 -8.37 -3.94 12.74
C GLN A 11 -9.88 -4.07 12.97
N ARG A 12 -10.62 -3.05 12.55
CA ARG A 12 -12.06 -3.01 12.69
C ARG A 12 -12.72 -4.22 12.02
N SER A 13 -12.01 -4.84 11.08
CA SER A 13 -12.53 -6.00 10.37
C SER A 13 -12.15 -7.29 11.06
N CYS A 14 -12.14 -7.27 12.39
CA CYS A 14 -11.79 -8.45 13.19
C CYS A 14 -10.35 -8.87 12.93
N PHE A 15 -9.44 -7.91 12.98
CA PHE A 15 -8.02 -8.18 12.76
C PHE A 15 -7.81 -8.83 11.40
N ASN A 16 -7.83 -8.01 10.36
CA ASN A 16 -7.63 -8.48 9.00
C ASN A 16 -6.26 -9.14 8.87
N LEU A 17 -5.31 -8.65 9.66
CA LEU A 17 -3.95 -9.17 9.65
C LEU A 17 -3.35 -9.07 8.25
N PRO A 18 -3.26 -7.84 7.72
CA PRO A 18 -2.70 -7.59 6.40
C PRO A 18 -1.19 -7.81 6.37
N SER A 19 -0.65 -8.04 5.18
CA SER A 19 0.77 -8.27 5.03
C SER A 19 1.37 -7.26 4.06
N TYR A 20 2.52 -6.71 4.41
CA TYR A 20 3.19 -5.74 3.56
C TYR A 20 4.52 -6.29 3.06
N THR A 21 4.78 -6.14 1.77
CA THR A 21 6.01 -6.63 1.19
C THR A 21 6.62 -5.56 0.28
N CYS A 22 7.93 -5.43 0.32
CA CYS A 22 8.60 -4.44 -0.50
C CYS A 22 9.05 -5.03 -1.83
N ILE A 23 8.79 -4.30 -2.91
CA ILE A 23 9.17 -4.75 -4.24
C ILE A 23 10.23 -3.82 -4.83
N ARG A 24 11.36 -4.40 -5.21
CA ARG A 24 12.45 -3.60 -5.79
C ARG A 24 12.76 -4.05 -7.21
N GLU A 25 13.15 -3.10 -8.06
CA GLU A 25 13.47 -3.43 -9.45
C GLU A 25 14.98 -3.53 -9.62
N GLY A 26 15.47 -4.75 -9.83
CA GLY A 26 16.90 -4.94 -10.00
C GLY A 26 17.56 -5.52 -8.76
N PRO A 27 18.88 -5.71 -8.80
CA PRO A 27 19.66 -6.26 -7.67
C PRO A 27 19.48 -5.45 -6.38
N ASP A 28 20.38 -5.66 -5.43
CA ASP A 28 20.32 -4.96 -4.14
C ASP A 28 20.34 -3.44 -4.35
N HIS A 29 20.79 -3.01 -5.51
CA HIS A 29 20.85 -1.58 -5.83
C HIS A 29 19.69 -1.20 -6.73
N ALA A 30 18.59 -1.95 -6.61
CA ALA A 30 17.40 -1.71 -7.40
C ALA A 30 16.99 -0.23 -7.37
N PRO A 31 17.06 0.49 -8.51
CA PRO A 31 16.70 1.92 -8.58
C PRO A 31 15.24 2.22 -8.23
N ARG A 32 14.33 1.27 -8.46
CA ARG A 32 12.91 1.51 -8.16
C ARG A 32 12.41 0.72 -6.97
N PHE A 33 11.78 1.42 -6.03
CA PHE A 33 11.23 0.78 -4.83
C PHE A 33 9.72 1.01 -4.75
N LYS A 34 9.00 -0.06 -4.47
CA LYS A 34 7.55 -0.01 -4.37
C LYS A 34 7.07 -0.82 -3.18
N ALA A 35 5.86 -0.54 -2.72
CA ALA A 35 5.32 -1.26 -1.58
C ALA A 35 4.03 -2.00 -1.97
N THR A 36 3.93 -3.24 -1.54
CA THR A 36 2.74 -4.06 -1.85
C THR A 36 2.03 -4.47 -0.57
N VAL A 37 0.69 -4.42 -0.59
CA VAL A 37 -0.09 -4.79 0.58
C VAL A 37 -1.25 -5.72 0.21
N ASN A 38 -1.38 -6.79 0.97
CA ASN A 38 -2.44 -7.77 0.73
C ASN A 38 -3.68 -7.42 1.54
N PHE A 39 -4.85 -7.41 0.89
CA PHE A 39 -6.09 -7.08 1.59
C PHE A 39 -7.23 -7.99 1.16
N ASN A 40 -7.54 -8.98 1.99
CA ASN A 40 -8.62 -9.92 1.72
C ASN A 40 -8.56 -10.49 0.30
N GLY A 41 -7.39 -10.93 -0.14
CA GLY A 41 -7.27 -11.48 -1.48
C GLY A 41 -7.03 -10.42 -2.54
N GLU A 42 -6.95 -9.15 -2.14
CA GLU A 42 -6.74 -8.06 -3.07
C GLU A 42 -5.46 -7.36 -2.70
N ILE A 43 -4.52 -7.43 -3.62
CA ILE A 43 -3.21 -6.81 -3.42
C ILE A 43 -3.07 -5.51 -4.18
N PHE A 44 -2.61 -4.49 -3.47
CA PHE A 44 -2.41 -3.18 -4.06
C PHE A 44 -0.94 -2.77 -3.96
N GLU A 45 -0.47 -1.98 -4.92
CA GLU A 45 0.88 -1.54 -4.93
C GLU A 45 0.92 -0.08 -5.37
N SER A 46 2.03 0.53 -5.10
CA SER A 46 2.25 1.92 -5.44
C SER A 46 3.30 2.06 -6.53
N PRO A 47 2.91 2.35 -7.79
CA PRO A 47 3.85 2.50 -8.88
C PRO A 47 4.52 3.88 -8.84
N GLN A 48 5.18 4.18 -7.72
CA GLN A 48 5.85 5.46 -7.55
C GLN A 48 7.25 5.27 -6.98
N TYR A 49 8.12 6.24 -7.24
CA TYR A 49 9.50 6.18 -6.75
C TYR A 49 9.59 6.91 -5.42
N CYS A 50 10.18 6.25 -4.42
CA CYS A 50 10.33 6.86 -3.10
C CYS A 50 11.79 6.95 -2.68
N SER A 51 12.12 8.02 -1.96
CA SER A 51 13.49 8.24 -1.50
C SER A 51 13.91 7.13 -0.53
N THR A 52 12.98 6.74 0.33
CA THR A 52 13.24 5.69 1.31
C THR A 52 12.18 4.59 1.25
N LEU A 53 12.54 3.43 1.75
CA LEU A 53 11.63 2.28 1.76
C LEU A 53 10.37 2.54 2.59
N ARG A 54 10.54 3.16 3.75
CA ARG A 54 9.40 3.47 4.62
C ARG A 54 8.35 4.29 3.90
N GLN A 55 8.80 5.20 3.05
CA GLN A 55 7.90 6.06 2.27
C GLN A 55 7.06 5.26 1.29
N ALA A 56 7.64 4.20 0.76
CA ALA A 56 6.95 3.35 -0.21
C ALA A 56 5.69 2.74 0.41
N GLU A 57 5.81 2.28 1.66
CA GLU A 57 4.67 1.68 2.36
C GLU A 57 3.56 2.71 2.54
N HIS A 58 3.94 3.94 2.87
CA HIS A 58 2.98 5.02 3.06
C HIS A 58 2.20 5.29 1.78
N SER A 59 2.91 5.39 0.67
CA SER A 59 2.28 5.64 -0.62
C SER A 59 1.27 4.55 -0.95
N ALA A 60 1.64 3.31 -0.68
CA ALA A 60 0.76 2.18 -0.94
C ALA A 60 -0.53 2.30 -0.14
N ALA A 61 -0.39 2.75 1.11
CA ALA A 61 -1.54 2.92 1.98
C ALA A 61 -2.52 3.95 1.41
N GLU A 62 -1.97 5.01 0.83
CA GLU A 62 -2.79 6.06 0.24
C GLU A 62 -3.67 5.50 -0.86
N VAL A 63 -3.07 4.67 -1.73
CA VAL A 63 -3.81 4.08 -2.83
C VAL A 63 -4.96 3.22 -2.32
N ALA A 64 -4.67 2.40 -1.32
CA ALA A 64 -5.69 1.52 -0.74
C ALA A 64 -6.86 2.33 -0.18
N LEU A 65 -6.54 3.43 0.51
CA LEU A 65 -7.58 4.27 1.08
C LEU A 65 -8.44 4.88 -0.01
N ASN A 66 -7.82 5.29 -1.10
CA ASN A 66 -8.53 5.89 -2.22
C ASN A 66 -9.54 4.90 -2.80
N ALA A 67 -9.12 3.64 -2.93
CA ALA A 67 -9.99 2.60 -3.47
C ALA A 67 -11.20 2.42 -2.56
N LEU A 68 -10.95 2.45 -1.26
CA LEU A 68 -12.01 2.28 -0.27
C LEU A 68 -13.06 3.38 -0.39
N SER A 69 -12.61 4.62 -0.56
CA SER A 69 -13.51 5.76 -0.68
C SER A 69 -14.40 5.62 -1.91
N ASN A 70 -13.90 4.92 -2.92
CA ASN A 70 -14.64 4.70 -4.15
C ASN A 70 -15.07 6.03 -4.79
N ARG A 71 -14.21 7.04 -4.72
CA ARG A 71 -14.52 8.34 -5.30
C ARG A 71 -14.27 8.33 -6.82
N GLY A 72 -15.07 9.10 -7.54
CA GLY A 72 -14.91 9.17 -8.99
C GLY A 72 -14.73 10.59 -9.48
N LEU A 73 -14.49 10.72 -10.79
CA LEU A 73 -14.29 12.03 -11.40
C LEU A 73 -15.54 12.89 -11.24
N GLU A 74 -16.70 12.28 -11.40
CA GLU A 74 -17.97 12.99 -11.28
C GLU A 74 -18.07 14.10 -12.32
N HIS A 75 -18.28 13.71 -13.58
CA HIS A 75 -18.37 14.67 -14.67
C HIS A 75 -17.20 15.63 -14.67
N MET A 1 0.03 10.38 7.93
CA MET A 1 -1.28 10.17 8.62
C MET A 1 -2.16 9.22 7.83
N TYR A 2 -1.98 9.21 6.52
CA TYR A 2 -2.77 8.34 5.65
C TYR A 2 -2.53 6.87 6.00
N LYS A 3 -1.28 6.56 6.36
CA LYS A 3 -0.92 5.19 6.72
C LYS A 3 -1.76 4.74 7.91
N ASN A 4 -1.91 5.64 8.88
CA ASN A 4 -2.70 5.34 10.08
C ASN A 4 -4.16 5.05 9.76
N GLN A 5 -4.74 5.80 8.82
CA GLN A 5 -6.13 5.61 8.44
C GLN A 5 -6.40 4.18 7.97
N LEU A 6 -5.49 3.61 7.19
CA LEU A 6 -5.67 2.25 6.69
C LEU A 6 -5.75 1.28 7.86
N GLN A 7 -4.85 1.45 8.83
CA GLN A 7 -4.81 0.58 10.00
C GLN A 7 -6.06 0.75 10.85
N GLU A 8 -6.66 1.93 10.78
CA GLU A 8 -7.86 2.20 11.55
C GLU A 8 -8.94 1.19 11.20
N LEU A 9 -9.19 1.03 9.89
CA LEU A 9 -10.20 0.09 9.41
C LEU A 9 -9.65 -1.33 9.33
N ALA A 10 -8.36 -1.47 9.04
CA ALA A 10 -7.73 -2.78 8.92
C ALA A 10 -7.72 -3.53 10.27
N GLN A 11 -7.41 -2.80 11.34
CA GLN A 11 -7.36 -3.39 12.68
C GLN A 11 -8.77 -3.74 13.16
N ARG A 12 -9.75 -3.03 12.62
CA ARG A 12 -11.15 -3.25 12.99
C ARG A 12 -11.59 -4.69 12.73
N SER A 13 -11.09 -5.28 11.65
CA SER A 13 -11.47 -6.65 11.32
C SER A 13 -10.82 -7.65 12.28
N CYS A 14 -9.86 -7.18 13.08
CA CYS A 14 -9.17 -8.03 14.05
C CYS A 14 -8.39 -9.17 13.38
N PHE A 15 -8.13 -9.05 12.08
CA PHE A 15 -7.38 -10.08 11.37
C PHE A 15 -6.01 -9.58 10.96
N ASN A 16 -5.00 -10.41 11.17
CA ASN A 16 -3.63 -10.06 10.84
C ASN A 16 -3.21 -10.63 9.48
N LEU A 17 -4.19 -11.06 8.68
CA LEU A 17 -3.91 -11.62 7.36
C LEU A 17 -3.12 -10.65 6.48
N PRO A 18 -3.50 -9.35 6.42
CA PRO A 18 -2.77 -8.39 5.60
C PRO A 18 -1.29 -8.32 5.97
N SER A 19 -0.45 -8.23 4.95
CA SER A 19 0.99 -8.16 5.16
C SER A 19 1.62 -7.13 4.24
N TYR A 20 2.65 -6.45 4.74
CA TYR A 20 3.34 -5.43 3.95
C TYR A 20 4.68 -5.96 3.46
N THR A 21 4.94 -5.85 2.16
CA THR A 21 6.18 -6.33 1.59
C THR A 21 6.79 -5.28 0.68
N CYS A 22 8.12 -5.25 0.64
CA CYS A 22 8.82 -4.29 -0.20
C CYS A 22 9.20 -4.91 -1.53
N ILE A 23 8.89 -4.21 -2.62
CA ILE A 23 9.20 -4.71 -3.96
C ILE A 23 10.10 -3.75 -4.72
N ARG A 24 11.18 -4.27 -5.28
CA ARG A 24 12.12 -3.46 -6.02
C ARG A 24 12.47 -4.11 -7.35
N GLU A 25 12.64 -3.29 -8.38
CA GLU A 25 12.98 -3.78 -9.72
C GLU A 25 13.71 -2.72 -10.53
N GLY A 26 14.15 -3.11 -11.72
CA GLY A 26 14.86 -2.18 -12.58
C GLY A 26 16.37 -2.31 -12.50
N PRO A 27 17.09 -1.58 -13.36
CA PRO A 27 18.56 -1.61 -13.38
C PRO A 27 19.18 -1.20 -12.05
N ASP A 28 20.36 -1.74 -11.75
CA ASP A 28 21.04 -1.43 -10.51
C ASP A 28 21.31 0.06 -10.39
N HIS A 29 21.64 0.69 -11.52
CA HIS A 29 21.92 2.13 -11.53
C HIS A 29 20.67 2.90 -11.15
N ALA A 30 19.53 2.47 -11.66
CA ALA A 30 18.26 3.12 -11.38
C ALA A 30 17.36 2.20 -10.55
N PRO A 31 17.53 2.18 -9.22
CA PRO A 31 16.71 1.34 -8.33
C PRO A 31 15.29 1.86 -8.18
N ARG A 32 14.36 0.94 -7.98
CA ARG A 32 12.96 1.30 -7.82
C ARG A 32 12.41 0.73 -6.51
N PHE A 33 11.84 1.59 -5.67
CA PHE A 33 11.28 1.13 -4.41
C PHE A 33 9.76 1.25 -4.40
N LYS A 34 9.08 0.15 -4.12
CA LYS A 34 7.62 0.15 -4.09
C LYS A 34 7.14 -0.65 -2.91
N ALA A 35 5.97 -0.32 -2.39
CA ALA A 35 5.42 -1.03 -1.26
C ALA A 35 4.16 -1.76 -1.69
N THR A 36 4.04 -3.02 -1.28
CA THR A 36 2.87 -3.81 -1.64
C THR A 36 2.18 -4.33 -0.38
N VAL A 37 0.85 -4.33 -0.38
CA VAL A 37 0.10 -4.80 0.78
C VAL A 37 -1.02 -5.75 0.35
N ASN A 38 -1.13 -6.85 1.08
CA ASN A 38 -2.16 -7.85 0.80
C ASN A 38 -3.42 -7.52 1.59
N PHE A 39 -4.58 -7.55 0.93
CA PHE A 39 -5.83 -7.24 1.62
C PHE A 39 -6.98 -8.14 1.18
N ASN A 40 -7.29 -9.14 2.00
CA ASN A 40 -8.37 -10.07 1.72
C ASN A 40 -8.31 -10.63 0.30
N GLY A 41 -7.13 -11.09 -0.12
CA GLY A 41 -7.00 -11.64 -1.45
C GLY A 41 -6.76 -10.59 -2.52
N GLU A 42 -6.67 -9.33 -2.12
CA GLU A 42 -6.43 -8.24 -3.06
C GLU A 42 -5.16 -7.53 -2.66
N ILE A 43 -4.20 -7.60 -3.54
CA ILE A 43 -2.90 -6.98 -3.33
C ILE A 43 -2.75 -5.68 -4.10
N PHE A 44 -2.33 -4.65 -3.39
CA PHE A 44 -2.13 -3.34 -4.01
C PHE A 44 -0.67 -2.89 -3.84
N GLU A 45 -0.20 -2.04 -4.75
CA GLU A 45 1.14 -1.54 -4.70
C GLU A 45 1.16 -0.09 -5.13
N SER A 46 2.25 0.53 -4.85
CA SER A 46 2.45 1.94 -5.19
C SER A 46 3.51 2.09 -6.27
N PRO A 47 3.12 2.33 -7.53
CA PRO A 47 4.07 2.48 -8.62
C PRO A 47 4.67 3.88 -8.62
N GLN A 48 5.29 4.26 -7.50
CA GLN A 48 5.89 5.57 -7.37
C GLN A 48 7.25 5.49 -6.68
N TYR A 49 8.22 6.21 -7.20
CA TYR A 49 9.56 6.22 -6.62
C TYR A 49 9.54 6.98 -5.30
N CYS A 50 10.19 6.41 -4.29
CA CYS A 50 10.24 7.04 -2.98
C CYS A 50 11.67 7.24 -2.50
N SER A 51 11.90 8.32 -1.77
CA SER A 51 13.23 8.63 -1.25
C SER A 51 13.68 7.55 -0.27
N THR A 52 12.74 7.03 0.51
CA THR A 52 13.03 6.00 1.48
C THR A 52 12.02 4.85 1.39
N LEU A 53 12.41 3.69 1.90
CA LEU A 53 11.56 2.51 1.89
C LEU A 53 10.29 2.74 2.70
N ARG A 54 10.43 3.37 3.86
CA ARG A 54 9.28 3.65 4.72
C ARG A 54 8.24 4.52 4.01
N GLN A 55 8.73 5.43 3.16
CA GLN A 55 7.86 6.31 2.40
C GLN A 55 6.97 5.50 1.44
N ALA A 56 7.53 4.41 0.92
CA ALA A 56 6.79 3.55 0.01
C ALA A 56 5.55 2.96 0.67
N GLU A 57 5.69 2.54 1.92
CA GLU A 57 4.56 1.96 2.65
C GLU A 57 3.44 2.98 2.81
N HIS A 58 3.81 4.21 3.14
CA HIS A 58 2.83 5.29 3.32
C HIS A 58 2.07 5.54 2.04
N SER A 59 2.80 5.62 0.92
CA SER A 59 2.19 5.86 -0.38
C SER A 59 1.21 4.74 -0.73
N ALA A 60 1.62 3.50 -0.47
CA ALA A 60 0.78 2.35 -0.78
C ALA A 60 -0.53 2.41 0.01
N ALA A 61 -0.42 2.82 1.27
CA ALA A 61 -1.60 2.93 2.13
C ALA A 61 -2.58 3.94 1.56
N GLU A 62 -2.05 5.04 1.03
CA GLU A 62 -2.90 6.07 0.45
C GLU A 62 -3.72 5.53 -0.71
N VAL A 63 -3.08 4.75 -1.58
CA VAL A 63 -3.78 4.17 -2.73
C VAL A 63 -4.89 3.25 -2.28
N ALA A 64 -4.59 2.38 -1.30
CA ALA A 64 -5.57 1.45 -0.78
C ALA A 64 -6.77 2.19 -0.20
N LEU A 65 -6.51 3.27 0.51
CA LEU A 65 -7.58 4.06 1.11
C LEU A 65 -8.47 4.65 0.02
N ASN A 66 -7.85 5.11 -1.06
CA ASN A 66 -8.59 5.70 -2.17
C ASN A 66 -9.53 4.68 -2.80
N ALA A 67 -9.05 3.46 -2.99
CA ALA A 67 -9.86 2.40 -3.58
C ALA A 67 -11.06 2.11 -2.69
N LEU A 68 -10.82 2.05 -1.39
CA LEU A 68 -11.88 1.78 -0.42
C LEU A 68 -12.95 2.89 -0.45
N SER A 69 -12.49 4.13 -0.50
CA SER A 69 -13.39 5.28 -0.53
C SER A 69 -14.23 5.31 -1.81
N ASN A 70 -13.71 4.71 -2.88
CA ASN A 70 -14.41 4.68 -4.15
C ASN A 70 -14.68 6.10 -4.66
N ARG A 71 -15.85 6.66 -4.31
CA ARG A 71 -16.22 8.00 -4.74
C ARG A 71 -15.24 9.03 -4.18
N GLY A 72 -14.83 8.83 -2.93
CA GLY A 72 -13.90 9.76 -2.30
C GLY A 72 -14.43 11.17 -2.25
N LEU A 73 -13.60 12.13 -2.66
CA LEU A 73 -13.98 13.55 -2.66
C LEU A 73 -14.13 14.08 -1.24
N GLU A 74 -15.21 13.70 -0.57
CA GLU A 74 -15.47 14.14 0.79
C GLU A 74 -15.43 15.67 0.89
N HIS A 75 -16.02 16.33 -0.11
CA HIS A 75 -16.05 17.79 -0.13
C HIS A 75 -17.38 18.32 0.40
N MET A 1 0.30 10.77 7.52
CA MET A 1 1.77 10.66 7.60
C MET A 1 2.21 9.25 8.02
N TYR A 2 1.26 8.31 8.06
CA TYR A 2 1.58 6.95 8.44
C TYR A 2 0.52 5.98 7.90
N LYS A 3 0.90 4.70 7.79
CA LYS A 3 -0.01 3.69 7.27
C LYS A 3 -0.91 3.13 8.38
N ASN A 4 -0.93 3.79 9.53
CA ASN A 4 -1.75 3.35 10.66
C ASN A 4 -3.23 3.28 10.28
N GLN A 5 -3.68 4.24 9.47
CA GLN A 5 -5.07 4.28 9.06
C GLN A 5 -5.50 2.98 8.38
N LEU A 6 -4.63 2.41 7.55
CA LEU A 6 -4.96 1.16 6.87
C LEU A 6 -5.19 0.05 7.89
N GLN A 7 -4.31 -0.03 8.88
CA GLN A 7 -4.39 -1.03 9.94
C GLN A 7 -5.65 -0.87 10.77
N GLU A 8 -5.97 0.39 11.05
CA GLU A 8 -7.15 0.71 11.84
C GLU A 8 -8.41 0.22 11.13
N LEU A 9 -8.53 0.57 9.86
CA LEU A 9 -9.68 0.15 9.04
C LEU A 9 -9.64 -1.34 8.76
N ALA A 10 -8.43 -1.88 8.64
CA ALA A 10 -8.25 -3.30 8.36
C ALA A 10 -8.81 -4.15 9.51
N GLN A 11 -8.52 -3.73 10.73
CA GLN A 11 -8.98 -4.44 11.92
C GLN A 11 -10.49 -4.34 12.05
N ARG A 12 -11.03 -3.16 11.73
CA ARG A 12 -12.46 -2.91 11.81
C ARG A 12 -13.25 -3.87 10.92
N SER A 13 -12.69 -4.22 9.78
CA SER A 13 -13.36 -5.15 8.85
C SER A 13 -13.31 -6.59 9.36
N CYS A 14 -12.68 -6.82 10.52
CA CYS A 14 -12.57 -8.15 11.10
C CYS A 14 -11.77 -9.09 10.20
N PHE A 15 -10.73 -8.55 9.57
CA PHE A 15 -9.89 -9.36 8.69
C PHE A 15 -8.72 -9.95 9.47
N ASN A 16 -8.23 -11.09 8.99
CA ASN A 16 -7.10 -11.79 9.64
C ASN A 16 -6.02 -10.82 10.10
N LEU A 17 -5.02 -10.56 9.27
CA LEU A 17 -3.94 -9.65 9.63
C LEU A 17 -3.24 -9.11 8.39
N PRO A 18 -3.35 -7.79 8.08
CA PRO A 18 -2.70 -7.20 6.90
C PRO A 18 -1.19 -7.13 7.07
N SER A 19 -0.47 -7.11 5.94
CA SER A 19 0.99 -7.04 5.95
C SER A 19 1.49 -6.24 4.77
N TYR A 20 2.69 -5.70 4.90
CA TYR A 20 3.31 -4.91 3.85
C TYR A 20 4.66 -5.48 3.42
N THR A 21 4.90 -5.51 2.11
CA THR A 21 6.15 -6.03 1.56
C THR A 21 6.75 -5.05 0.56
N CYS A 22 8.05 -4.79 0.69
CA CYS A 22 8.75 -3.88 -0.20
C CYS A 22 9.07 -4.56 -1.53
N ILE A 23 8.66 -3.95 -2.64
CA ILE A 23 8.92 -4.51 -3.96
C ILE A 23 9.91 -3.67 -4.75
N ARG A 24 10.95 -4.32 -5.26
CA ARG A 24 11.97 -3.62 -6.04
C ARG A 24 11.98 -4.14 -7.48
N GLU A 25 12.10 -3.22 -8.43
CA GLU A 25 12.13 -3.57 -9.84
C GLU A 25 12.96 -2.58 -10.65
N GLY A 26 13.70 -3.09 -11.63
CA GLY A 26 14.53 -2.22 -12.46
C GLY A 26 15.99 -2.62 -12.42
N PRO A 27 16.84 -1.88 -13.13
CA PRO A 27 18.28 -2.15 -13.18
C PRO A 27 18.97 -1.88 -11.85
N ASP A 28 20.10 -2.54 -11.62
CA ASP A 28 20.85 -2.38 -10.39
C ASP A 28 21.28 -0.93 -10.19
N HIS A 29 21.74 -0.30 -11.27
CA HIS A 29 22.18 1.09 -11.20
C HIS A 29 21.05 2.02 -10.74
N ALA A 30 19.88 1.85 -11.35
CA ALA A 30 18.72 2.67 -10.99
C ALA A 30 17.63 1.83 -10.34
N PRO A 31 17.76 1.54 -9.03
CA PRO A 31 16.77 0.75 -8.30
C PRO A 31 15.48 1.53 -8.02
N ARG A 32 14.36 0.81 -7.95
CA ARG A 32 13.08 1.44 -7.69
C ARG A 32 12.41 0.83 -6.46
N PHE A 33 11.93 1.67 -5.56
CA PHE A 33 11.28 1.21 -4.33
C PHE A 33 9.76 1.31 -4.45
N LYS A 34 9.08 0.22 -4.14
CA LYS A 34 7.62 0.19 -4.20
C LYS A 34 7.07 -0.44 -2.94
N ALA A 35 5.86 -0.05 -2.57
CA ALA A 35 5.23 -0.59 -1.36
C ALA A 35 3.98 -1.38 -1.71
N THR A 36 3.87 -2.58 -1.15
CA THR A 36 2.70 -3.42 -1.40
C THR A 36 2.08 -3.90 -0.11
N VAL A 37 0.77 -4.11 -0.13
CA VAL A 37 0.05 -4.57 1.05
C VAL A 37 -1.03 -5.57 0.65
N ASN A 38 -1.14 -6.63 1.43
CA ASN A 38 -2.12 -7.67 1.18
C ASN A 38 -3.45 -7.30 1.82
N PHE A 39 -4.55 -7.54 1.11
CA PHE A 39 -5.88 -7.22 1.63
C PHE A 39 -6.89 -8.30 1.28
N ASN A 40 -6.93 -9.34 2.11
CA ASN A 40 -7.85 -10.44 1.90
C ASN A 40 -7.82 -10.96 0.46
N GLY A 41 -6.63 -11.24 -0.05
CA GLY A 41 -6.52 -11.72 -1.41
C GLY A 41 -6.38 -10.62 -2.45
N GLU A 42 -6.35 -9.37 -2.00
CA GLU A 42 -6.22 -8.23 -2.88
C GLU A 42 -4.98 -7.44 -2.50
N ILE A 43 -4.04 -7.40 -3.41
CA ILE A 43 -2.79 -6.70 -3.19
C ILE A 43 -2.67 -5.47 -4.07
N PHE A 44 -2.26 -4.36 -3.46
CA PHE A 44 -2.10 -3.11 -4.18
C PHE A 44 -0.65 -2.64 -4.10
N GLU A 45 -0.21 -1.91 -5.12
CA GLU A 45 1.13 -1.41 -5.18
C GLU A 45 1.10 0.05 -5.53
N SER A 46 2.15 0.71 -5.14
CA SER A 46 2.31 2.13 -5.38
C SER A 46 3.28 2.37 -6.54
N PRO A 47 2.79 2.79 -7.73
CA PRO A 47 3.65 3.03 -8.88
C PRO A 47 4.35 4.38 -8.79
N GLN A 48 5.07 4.61 -7.70
CA GLN A 48 5.79 5.86 -7.51
C GLN A 48 7.11 5.61 -6.80
N TYR A 49 8.18 6.13 -7.39
CA TYR A 49 9.50 5.97 -6.82
C TYR A 49 9.69 6.91 -5.63
N CYS A 50 10.19 6.35 -4.53
CA CYS A 50 10.42 7.14 -3.33
C CYS A 50 11.89 7.12 -2.93
N SER A 51 12.34 8.24 -2.36
CA SER A 51 13.72 8.38 -1.92
C SER A 51 14.05 7.38 -0.81
N THR A 52 13.09 7.17 0.09
CA THR A 52 13.28 6.24 1.20
C THR A 52 12.16 5.21 1.25
N LEU A 53 12.44 4.08 1.88
CA LEU A 53 11.46 3.00 2.01
C LEU A 53 10.21 3.44 2.78
N ARG A 54 10.41 4.18 3.86
CA ARG A 54 9.28 4.64 4.67
C ARG A 54 8.30 5.45 3.82
N GLN A 55 8.83 6.25 2.91
CA GLN A 55 7.98 7.06 2.04
C GLN A 55 7.15 6.18 1.13
N ALA A 56 7.77 5.11 0.62
CA ALA A 56 7.09 4.18 -0.27
C ALA A 56 5.92 3.52 0.44
N GLU A 57 6.13 3.14 1.70
CA GLU A 57 5.09 2.50 2.50
C GLU A 57 3.90 3.43 2.66
N HIS A 58 4.17 4.71 2.89
CA HIS A 58 3.12 5.70 3.08
C HIS A 58 2.30 5.85 1.80
N SER A 59 2.97 5.85 0.65
CA SER A 59 2.30 5.99 -0.63
C SER A 59 1.34 4.84 -0.89
N ALA A 60 1.77 3.63 -0.57
CA ALA A 60 0.94 2.43 -0.77
C ALA A 60 -0.32 2.52 0.08
N ALA A 61 -0.16 3.00 1.31
CA ALA A 61 -1.28 3.14 2.23
C ALA A 61 -2.32 4.10 1.68
N GLU A 62 -1.85 5.18 1.05
CA GLU A 62 -2.74 6.17 0.49
C GLU A 62 -3.64 5.55 -0.57
N VAL A 63 -3.04 4.75 -1.45
CA VAL A 63 -3.79 4.09 -2.51
C VAL A 63 -4.85 3.15 -1.93
N ALA A 64 -4.44 2.36 -0.94
CA ALA A 64 -5.36 1.42 -0.31
C ALA A 64 -6.55 2.15 0.31
N LEU A 65 -6.28 3.28 0.96
CA LEU A 65 -7.33 4.06 1.59
C LEU A 65 -8.30 4.57 0.53
N ASN A 66 -7.77 4.98 -0.61
CA ASN A 66 -8.58 5.50 -1.69
C ASN A 66 -9.54 4.43 -2.19
N ALA A 67 -9.04 3.20 -2.33
CA ALA A 67 -9.87 2.10 -2.80
C ALA A 67 -11.02 1.84 -1.83
N LEU A 68 -10.73 1.88 -0.54
CA LEU A 68 -11.74 1.65 0.48
C LEU A 68 -12.82 2.73 0.42
N SER A 69 -12.40 3.97 0.24
CA SER A 69 -13.32 5.10 0.15
C SER A 69 -14.22 4.97 -1.08
N ASN A 70 -13.62 4.53 -2.18
CA ASN A 70 -14.35 4.35 -3.43
C ASN A 70 -14.78 5.70 -3.99
N ARG A 71 -14.08 6.17 -5.02
CA ARG A 71 -14.39 7.46 -5.64
C ARG A 71 -15.80 7.47 -6.21
N GLY A 72 -16.21 6.36 -6.81
CA GLY A 72 -17.54 6.27 -7.38
C GLY A 72 -17.66 5.19 -8.44
N LEU A 73 -18.79 5.16 -9.13
CA LEU A 73 -19.02 4.17 -10.17
C LEU A 73 -19.02 4.83 -11.55
N GLU A 74 -18.37 4.20 -12.50
CA GLU A 74 -18.30 4.72 -13.87
C GLU A 74 -17.83 6.17 -13.85
N HIS A 75 -16.86 6.46 -12.99
CA HIS A 75 -16.31 7.82 -12.88
C HIS A 75 -14.85 7.79 -12.46
N MET A 1 -3.27 10.77 5.68
CA MET A 1 -2.43 9.71 5.07
C MET A 1 -1.52 9.07 6.10
N TYR A 2 -2.08 8.21 6.94
CA TYR A 2 -1.30 7.54 7.98
C TYR A 2 -1.52 6.02 7.96
N LYS A 3 -0.48 5.29 8.32
CA LYS A 3 -0.54 3.84 8.36
C LYS A 3 -1.59 3.38 9.36
N ASN A 4 -1.68 4.10 10.47
CA ASN A 4 -2.62 3.78 11.53
C ASN A 4 -4.05 3.82 10.99
N GLN A 5 -4.34 4.78 10.13
CA GLN A 5 -5.68 4.89 9.58
C GLN A 5 -6.13 3.58 8.92
N LEU A 6 -5.23 2.95 8.18
CA LEU A 6 -5.55 1.69 7.51
C LEU A 6 -5.82 0.58 8.52
N GLN A 7 -4.99 0.49 9.57
CA GLN A 7 -5.15 -0.56 10.59
C GLN A 7 -6.45 -0.38 11.36
N GLU A 8 -6.94 0.86 11.44
CA GLU A 8 -8.19 1.11 12.16
C GLU A 8 -9.34 0.34 11.52
N LEU A 9 -9.46 0.47 10.21
CA LEU A 9 -10.51 -0.23 9.46
C LEU A 9 -10.23 -1.72 9.37
N ALA A 10 -8.95 -2.06 9.25
CA ALA A 10 -8.53 -3.45 9.14
C ALA A 10 -8.83 -4.24 10.42
N GLN A 11 -8.53 -3.63 11.55
CA GLN A 11 -8.75 -4.25 12.86
C GLN A 11 -10.24 -4.40 13.16
N ARG A 12 -11.00 -3.38 12.81
CA ARG A 12 -12.45 -3.38 13.04
C ARG A 12 -13.15 -4.42 12.18
N SER A 13 -12.44 -4.97 11.19
CA SER A 13 -13.02 -5.98 10.31
C SER A 13 -12.69 -7.39 10.81
N CYS A 14 -12.45 -7.51 12.11
CA CYS A 14 -12.12 -8.79 12.74
C CYS A 14 -10.65 -9.14 12.55
N PHE A 15 -9.78 -8.19 12.90
CA PHE A 15 -8.33 -8.39 12.77
C PHE A 15 -7.97 -8.93 11.39
N ASN A 16 -7.78 -8.03 10.43
CA ASN A 16 -7.43 -8.41 9.07
C ASN A 16 -5.92 -8.59 8.91
N LEU A 17 -5.15 -8.13 9.92
CA LEU A 17 -3.69 -8.22 9.92
C LEU A 17 -3.10 -7.98 8.54
N PRO A 18 -3.15 -6.73 8.06
CA PRO A 18 -2.63 -6.36 6.74
C PRO A 18 -1.15 -6.70 6.60
N SER A 19 -0.75 -7.12 5.41
CA SER A 19 0.65 -7.48 5.14
C SER A 19 1.23 -6.57 4.06
N TYR A 20 2.43 -6.06 4.32
CA TYR A 20 3.09 -5.19 3.36
C TYR A 20 4.40 -5.80 2.85
N THR A 21 4.55 -5.86 1.53
CA THR A 21 5.75 -6.41 0.92
C THR A 21 6.36 -5.40 -0.03
N CYS A 22 7.66 -5.20 0.07
CA CYS A 22 8.35 -4.25 -0.79
C CYS A 22 8.66 -4.87 -2.15
N ILE A 23 8.34 -4.15 -3.21
CA ILE A 23 8.58 -4.64 -4.57
C ILE A 23 9.70 -3.85 -5.25
N ARG A 24 10.73 -4.55 -5.67
CA ARG A 24 11.87 -3.93 -6.33
C ARG A 24 12.18 -4.67 -7.62
N GLU A 25 12.68 -3.96 -8.63
CA GLU A 25 12.99 -4.62 -9.90
C GLU A 25 14.47 -5.00 -9.96
N GLY A 26 14.80 -6.13 -9.33
CA GLY A 26 16.18 -6.57 -9.32
C GLY A 26 16.71 -6.70 -7.91
N PRO A 27 17.99 -7.05 -7.75
CA PRO A 27 18.62 -7.20 -6.43
C PRO A 27 18.48 -5.93 -5.58
N ASP A 28 19.35 -5.79 -4.59
CA ASP A 28 19.32 -4.63 -3.70
C ASP A 28 19.49 -3.34 -4.50
N HIS A 29 20.33 -3.38 -5.52
CA HIS A 29 20.58 -2.21 -6.36
C HIS A 29 19.55 -2.10 -7.51
N ALA A 30 18.28 -2.35 -7.18
CA ALA A 30 17.21 -2.28 -8.19
C ALA A 30 16.96 -0.83 -8.61
N PRO A 31 16.35 -0.63 -9.79
CA PRO A 31 16.06 0.71 -10.31
C PRO A 31 15.23 1.54 -9.34
N ARG A 32 14.27 0.92 -8.65
CA ARG A 32 13.46 1.67 -7.70
C ARG A 32 12.79 0.77 -6.68
N PHE A 33 12.15 1.39 -5.69
CA PHE A 33 11.48 0.66 -4.63
C PHE A 33 9.97 0.94 -4.64
N LYS A 34 9.18 -0.12 -4.52
CA LYS A 34 7.73 0.00 -4.50
C LYS A 34 7.16 -0.70 -3.28
N ALA A 35 5.91 -0.40 -2.95
CA ALA A 35 5.28 -1.02 -1.80
C ALA A 35 3.94 -1.66 -2.18
N THR A 36 3.70 -2.85 -1.66
CA THR A 36 2.46 -3.55 -1.93
C THR A 36 1.79 -4.00 -0.63
N VAL A 37 0.47 -4.06 -0.64
CA VAL A 37 -0.28 -4.47 0.54
C VAL A 37 -1.39 -5.45 0.18
N ASN A 38 -1.51 -6.52 0.98
CA ASN A 38 -2.55 -7.52 0.76
C ASN A 38 -3.74 -7.31 1.67
N PHE A 39 -4.92 -7.17 1.09
CA PHE A 39 -6.14 -6.96 1.85
C PHE A 39 -7.23 -7.92 1.41
N ASN A 40 -7.44 -8.98 2.18
CA ASN A 40 -8.45 -9.98 1.86
C ASN A 40 -8.35 -10.45 0.42
N GLY A 41 -7.15 -10.78 -0.04
CA GLY A 41 -6.98 -11.22 -1.42
C GLY A 41 -6.80 -10.09 -2.41
N GLU A 42 -6.81 -8.85 -1.92
CA GLU A 42 -6.64 -7.70 -2.76
C GLU A 42 -5.17 -7.31 -2.81
N ILE A 43 -4.67 -7.33 -4.01
CA ILE A 43 -3.28 -7.00 -4.30
C ILE A 43 -3.16 -5.60 -4.92
N PHE A 44 -2.40 -4.73 -4.26
CA PHE A 44 -2.19 -3.37 -4.75
C PHE A 44 -0.71 -2.99 -4.67
N GLU A 45 -0.28 -2.17 -5.63
CA GLU A 45 1.08 -1.71 -5.69
C GLU A 45 1.05 -0.20 -5.90
N SER A 46 2.05 0.43 -5.37
CA SER A 46 2.20 1.87 -5.45
C SER A 46 3.06 2.26 -6.65
N PRO A 47 2.46 2.82 -7.73
CA PRO A 47 3.22 3.21 -8.92
C PRO A 47 3.92 4.55 -8.71
N GLN A 48 4.72 4.63 -7.64
CA GLN A 48 5.46 5.85 -7.33
C GLN A 48 6.90 5.54 -7.00
N TYR A 49 7.79 6.47 -7.34
CA TYR A 49 9.21 6.30 -7.06
C TYR A 49 9.57 6.99 -5.76
N CYS A 50 10.05 6.22 -4.79
CA CYS A 50 10.44 6.78 -3.49
C CYS A 50 11.92 6.56 -3.19
N SER A 51 12.57 7.63 -2.74
CA SER A 51 13.98 7.58 -2.40
C SER A 51 14.23 6.70 -1.17
N THR A 52 13.33 6.80 -0.20
CA THR A 52 13.46 6.02 1.03
C THR A 52 12.38 4.94 1.12
N LEU A 53 12.73 3.82 1.76
CA LEU A 53 11.81 2.70 1.91
C LEU A 53 10.54 3.08 2.67
N ARG A 54 10.69 3.79 3.78
CA ARG A 54 9.54 4.20 4.57
C ARG A 54 8.55 4.99 3.72
N GLN A 55 9.08 5.80 2.81
CA GLN A 55 8.24 6.60 1.92
C GLN A 55 7.44 5.70 0.99
N ALA A 56 8.07 4.63 0.53
CA ALA A 56 7.41 3.69 -0.37
C ALA A 56 6.21 3.05 0.32
N GLU A 57 6.40 2.69 1.58
CA GLU A 57 5.32 2.06 2.36
C GLU A 57 4.13 3.01 2.48
N HIS A 58 4.41 4.29 2.68
CA HIS A 58 3.35 5.29 2.82
C HIS A 58 2.55 5.39 1.52
N SER A 59 3.25 5.32 0.40
CA SER A 59 2.61 5.41 -0.90
C SER A 59 1.60 4.27 -1.09
N ALA A 60 1.99 3.08 -0.66
CA ALA A 60 1.13 1.91 -0.78
C ALA A 60 -0.14 2.11 0.04
N ALA A 61 0.02 2.67 1.24
CA ALA A 61 -1.10 2.93 2.13
C ALA A 61 -2.07 3.91 1.49
N GLU A 62 -1.52 4.92 0.82
CA GLU A 62 -2.35 5.93 0.16
C GLU A 62 -3.22 5.31 -0.91
N VAL A 63 -2.64 4.44 -1.73
CA VAL A 63 -3.37 3.77 -2.79
C VAL A 63 -4.48 2.89 -2.24
N ALA A 64 -4.14 2.12 -1.20
CA ALA A 64 -5.12 1.23 -0.57
C ALA A 64 -6.30 2.01 -0.02
N LEU A 65 -6.02 3.12 0.65
CA LEU A 65 -7.08 3.94 1.23
C LEU A 65 -7.97 4.52 0.14
N ASN A 66 -7.36 4.93 -0.96
CA ASN A 66 -8.10 5.50 -2.08
C ASN A 66 -9.08 4.48 -2.66
N ALA A 67 -8.63 3.23 -2.80
CA ALA A 67 -9.48 2.18 -3.33
C ALA A 67 -10.70 1.98 -2.44
N LEU A 68 -10.46 1.97 -1.13
CA LEU A 68 -11.53 1.79 -0.16
C LEU A 68 -12.55 2.93 -0.26
N SER A 69 -12.04 4.15 -0.39
CA SER A 69 -12.90 5.33 -0.49
C SER A 69 -13.73 5.28 -1.78
N ASN A 70 -13.18 4.67 -2.82
CA ASN A 70 -13.88 4.55 -4.10
C ASN A 70 -14.59 3.21 -4.21
N ARG A 71 -15.91 3.26 -4.28
CA ARG A 71 -16.71 2.04 -4.39
C ARG A 71 -16.40 1.30 -5.69
N GLY A 72 -16.23 2.06 -6.77
CA GLY A 72 -15.93 1.46 -8.06
C GLY A 72 -14.60 1.92 -8.61
N LEU A 73 -13.90 1.00 -9.27
CA LEU A 73 -12.59 1.31 -9.86
C LEU A 73 -12.74 1.98 -11.22
N GLU A 74 -13.94 1.91 -11.80
CA GLU A 74 -14.19 2.52 -13.11
C GLU A 74 -13.97 4.03 -13.05
N HIS A 75 -14.45 4.65 -11.97
CA HIS A 75 -14.31 6.09 -11.80
C HIS A 75 -13.13 6.42 -10.89
N MET A 1 -0.72 7.95 10.77
CA MET A 1 -1.45 9.02 10.06
C MET A 1 -1.96 8.54 8.70
N TYR A 2 -1.10 7.84 7.96
CA TYR A 2 -1.47 7.33 6.64
C TYR A 2 -1.48 5.79 6.64
N LYS A 3 -0.32 5.19 6.83
CA LYS A 3 -0.21 3.73 6.86
C LYS A 3 -0.97 3.16 8.04
N ASN A 4 -1.01 3.91 9.13
CA ASN A 4 -1.71 3.49 10.34
C ASN A 4 -3.20 3.34 10.08
N GLN A 5 -3.74 4.21 9.23
CA GLN A 5 -5.16 4.17 8.91
C GLN A 5 -5.57 2.81 8.35
N LEU A 6 -4.73 2.22 7.49
CA LEU A 6 -5.04 0.91 6.92
C LEU A 6 -5.14 -0.12 8.04
N GLN A 7 -4.22 -0.01 9.00
CA GLN A 7 -4.17 -0.92 10.14
C GLN A 7 -5.39 -0.76 11.03
N GLU A 8 -5.82 0.48 11.16
CA GLU A 8 -6.99 0.77 11.99
C GLU A 8 -8.20 -0.02 11.50
N LEU A 9 -8.47 0.09 10.20
CA LEU A 9 -9.60 -0.61 9.59
C LEU A 9 -9.32 -2.11 9.43
N ALA A 10 -8.06 -2.44 9.16
CA ALA A 10 -7.67 -3.83 8.97
C ALA A 10 -7.86 -4.64 10.23
N GLN A 11 -7.46 -4.05 11.36
CA GLN A 11 -7.58 -4.70 12.67
C GLN A 11 -9.04 -4.82 13.08
N ARG A 12 -9.82 -3.79 12.77
CA ARG A 12 -11.23 -3.77 13.12
C ARG A 12 -11.97 -4.96 12.50
N SER A 13 -11.51 -5.38 11.33
CA SER A 13 -12.14 -6.52 10.64
C SER A 13 -11.73 -7.85 11.28
N CYS A 14 -10.86 -7.79 12.30
CA CYS A 14 -10.39 -8.98 13.00
C CYS A 14 -9.55 -9.89 12.11
N PHE A 15 -8.83 -9.29 11.16
CA PHE A 15 -7.97 -10.06 10.26
C PHE A 15 -6.53 -9.59 10.32
N ASN A 16 -5.63 -10.51 10.65
CA ASN A 16 -4.21 -10.19 10.73
C ASN A 16 -3.47 -10.58 9.45
N LEU A 17 -4.22 -11.01 8.44
CA LEU A 17 -3.64 -11.41 7.16
C LEU A 17 -2.92 -10.26 6.47
N PRO A 18 -3.56 -9.07 6.36
CA PRO A 18 -2.94 -7.92 5.71
C PRO A 18 -1.54 -7.63 6.26
N SER A 19 -0.59 -7.46 5.33
CA SER A 19 0.79 -7.18 5.68
C SER A 19 1.45 -6.32 4.61
N TYR A 20 2.58 -5.70 4.96
CA TYR A 20 3.31 -4.85 4.02
C TYR A 20 4.61 -5.50 3.59
N THR A 21 4.83 -5.56 2.28
CA THR A 21 6.03 -6.15 1.73
C THR A 21 6.71 -5.20 0.76
N CYS A 22 8.01 -5.02 0.90
CA CYS A 22 8.75 -4.13 0.03
C CYS A 22 9.10 -4.83 -1.28
N ILE A 23 8.81 -4.16 -2.40
CA ILE A 23 9.09 -4.73 -3.71
C ILE A 23 10.19 -3.96 -4.42
N ARG A 24 11.23 -4.68 -4.83
CA ARG A 24 12.35 -4.06 -5.53
C ARG A 24 12.51 -4.63 -6.95
N GLU A 25 12.35 -3.77 -7.94
CA GLU A 25 12.48 -4.18 -9.33
C GLU A 25 12.80 -2.98 -10.23
N GLY A 26 13.79 -3.14 -11.10
CA GLY A 26 14.17 -2.06 -11.99
C GLY A 26 13.81 -2.36 -13.43
N PRO A 27 13.16 -1.44 -14.18
CA PRO A 27 12.80 -1.70 -15.58
C PRO A 27 14.03 -2.07 -16.42
N ASP A 28 14.94 -1.12 -16.58
CA ASP A 28 16.15 -1.38 -17.37
C ASP A 28 17.25 -1.99 -16.49
N HIS A 29 17.99 -1.12 -15.80
CA HIS A 29 19.06 -1.58 -14.93
C HIS A 29 18.91 -1.02 -13.52
N ALA A 30 18.37 0.19 -13.42
CA ALA A 30 18.18 0.85 -12.13
C ALA A 30 16.98 0.27 -11.37
N PRO A 31 17.18 -0.23 -10.12
CA PRO A 31 16.09 -0.79 -9.31
C PRO A 31 15.14 0.27 -8.79
N ARG A 32 13.90 -0.12 -8.55
CA ARG A 32 12.89 0.81 -8.04
C ARG A 32 12.28 0.28 -6.75
N PHE A 33 11.96 1.17 -5.82
CA PHE A 33 11.37 0.77 -4.56
C PHE A 33 9.86 1.00 -4.56
N LYS A 34 9.11 -0.05 -4.22
CA LYS A 34 7.66 0.03 -4.18
C LYS A 34 7.13 -0.63 -2.93
N ALA A 35 5.94 -0.23 -2.51
CA ALA A 35 5.33 -0.79 -1.32
C ALA A 35 4.06 -1.55 -1.67
N THR A 36 3.94 -2.78 -1.16
CA THR A 36 2.76 -3.60 -1.42
C THR A 36 2.06 -3.99 -0.12
N VAL A 37 0.73 -4.02 -0.18
CA VAL A 37 -0.06 -4.38 1.00
C VAL A 37 -1.17 -5.36 0.64
N ASN A 38 -1.30 -6.41 1.46
CA ASN A 38 -2.33 -7.43 1.24
C ASN A 38 -3.64 -7.06 1.93
N PHE A 39 -4.76 -7.28 1.24
CA PHE A 39 -6.07 -6.97 1.80
C PHE A 39 -7.11 -8.00 1.40
N ASN A 40 -7.21 -9.06 2.19
CA ASN A 40 -8.17 -10.13 1.92
C ASN A 40 -8.13 -10.59 0.47
N GLY A 41 -6.94 -10.92 -0.02
CA GLY A 41 -6.82 -11.39 -1.39
C GLY A 41 -6.63 -10.27 -2.41
N GLU A 42 -6.59 -9.03 -1.94
CA GLU A 42 -6.43 -7.88 -2.80
C GLU A 42 -5.12 -7.22 -2.45
N ILE A 43 -4.20 -7.22 -3.38
CA ILE A 43 -2.90 -6.61 -3.19
C ILE A 43 -2.81 -5.25 -3.89
N PHE A 44 -2.36 -4.23 -3.16
CA PHE A 44 -2.22 -2.90 -3.72
C PHE A 44 -0.76 -2.48 -3.76
N GLU A 45 -0.37 -1.74 -4.81
CA GLU A 45 0.97 -1.28 -4.97
C GLU A 45 0.98 0.15 -5.45
N SER A 46 2.09 0.78 -5.20
CA SER A 46 2.30 2.17 -5.60
C SER A 46 3.45 2.26 -6.60
N PRO A 47 3.15 2.30 -7.92
CA PRO A 47 4.19 2.40 -8.95
C PRO A 47 4.89 3.76 -8.95
N GLN A 48 5.65 4.02 -7.90
CA GLN A 48 6.38 5.28 -7.78
C GLN A 48 7.70 5.06 -7.06
N TYR A 49 8.77 5.62 -7.62
CA TYR A 49 10.09 5.48 -7.01
C TYR A 49 10.21 6.36 -5.78
N CYS A 50 10.64 5.77 -4.67
CA CYS A 50 10.79 6.51 -3.42
C CYS A 50 12.21 6.44 -2.88
N SER A 51 12.64 7.52 -2.24
CA SER A 51 13.97 7.58 -1.67
C SER A 51 14.14 6.53 -0.58
N THR A 52 13.11 6.37 0.25
CA THR A 52 13.15 5.39 1.33
C THR A 52 11.93 4.47 1.29
N LEU A 53 12.07 3.30 1.91
CA LEU A 53 10.99 2.32 1.95
C LEU A 53 9.75 2.87 2.66
N ARG A 54 9.95 3.59 3.76
CA ARG A 54 8.83 4.15 4.51
C ARG A 54 7.99 5.06 3.61
N GLN A 55 8.64 5.77 2.70
CA GLN A 55 7.94 6.66 1.78
C GLN A 55 7.05 5.88 0.83
N ALA A 56 7.55 4.73 0.37
CA ALA A 56 6.79 3.89 -0.54
C ALA A 56 5.50 3.41 0.11
N GLU A 57 5.59 3.06 1.39
CA GLU A 57 4.42 2.58 2.14
C GLU A 57 3.37 3.67 2.20
N HIS A 58 3.81 4.90 2.37
CA HIS A 58 2.88 6.04 2.45
C HIS A 58 2.05 6.15 1.18
N SER A 59 2.72 6.08 0.03
CA SER A 59 2.03 6.18 -1.25
C SER A 59 1.05 5.02 -1.45
N ALA A 60 1.48 3.82 -1.09
CA ALA A 60 0.63 2.64 -1.24
C ALA A 60 -0.61 2.75 -0.37
N ALA A 61 -0.42 3.26 0.85
CA ALA A 61 -1.52 3.43 1.80
C ALA A 61 -2.57 4.39 1.23
N GLU A 62 -2.10 5.46 0.57
CA GLU A 62 -2.99 6.44 -0.01
C GLU A 62 -3.91 5.78 -1.05
N VAL A 63 -3.32 4.95 -1.90
CA VAL A 63 -4.08 4.27 -2.94
C VAL A 63 -5.16 3.37 -2.34
N ALA A 64 -4.77 2.58 -1.32
CA ALA A 64 -5.72 1.68 -0.67
C ALA A 64 -6.88 2.45 -0.06
N LEU A 65 -6.57 3.57 0.59
CA LEU A 65 -7.60 4.39 1.21
C LEU A 65 -8.52 4.97 0.16
N ASN A 66 -7.93 5.37 -0.98
CA ASN A 66 -8.71 5.94 -2.07
C ASN A 66 -9.73 4.95 -2.59
N ALA A 67 -9.33 3.68 -2.70
CA ALA A 67 -10.23 2.65 -3.19
C ALA A 67 -11.43 2.50 -2.26
N LEU A 68 -11.16 2.54 -0.96
CA LEU A 68 -12.22 2.43 0.04
C LEU A 68 -13.20 3.58 -0.08
N SER A 69 -12.67 4.80 -0.19
CA SER A 69 -13.51 6.00 -0.30
C SER A 69 -14.36 5.95 -1.57
N ASN A 70 -13.73 5.55 -2.66
CA ASN A 70 -14.40 5.46 -3.96
C ASN A 70 -15.54 4.44 -3.90
N ARG A 71 -15.31 3.32 -3.23
CA ARG A 71 -16.32 2.28 -3.10
C ARG A 71 -17.55 2.81 -2.35
N GLY A 72 -17.30 3.55 -1.28
CA GLY A 72 -18.40 4.10 -0.49
C GLY A 72 -19.27 5.05 -1.29
N LEU A 73 -18.65 5.90 -2.11
CA LEU A 73 -19.39 6.85 -2.92
C LEU A 73 -19.93 6.20 -4.18
N GLU A 74 -19.02 5.75 -5.05
CA GLU A 74 -19.39 5.10 -6.29
C GLU A 74 -19.59 3.60 -6.08
N HIS A 75 -20.46 3.01 -6.90
CA HIS A 75 -20.74 1.58 -6.81
C HIS A 75 -19.44 0.76 -6.77
#